data_8YKS
#
_entry.id   8YKS
#
_cell.length_a   113.190
_cell.length_b   115.460
_cell.length_c   132.620
_cell.angle_alpha   90.000
_cell.angle_beta   90.000
_cell.angle_gamma   90.000
#
_symmetry.space_group_name_H-M   'C 2 2 21'
#
loop_
_entity.id
_entity.type
_entity.pdbx_description
1 polymer 'Thiamine-monophosphate kinase'
2 non-polymer 'MAGNESIUM ION'
3 non-polymer 'SODIUM ION'
4 non-polymer 'PHOSPHOAMINOPHOSPHONIC ACID-ADENYLATE ESTER'
5 non-polymer GLYCEROL
6 non-polymer 'TETRAETHYLENE GLYCOL'
7 non-polymer 1,2-ETHANEDIOL
8 water water
#
_entity_poly.entity_id   1
_entity_poly.type   'polypeptide(L)'
_entity_poly.pdbx_seq_one_letter_code
;MHHHHHHSSGVDLGTENLYFQSMGEFELIRRFFAAAACAAPAADVALGIGDDCALLAPPAGEQLAVSTDTLVEGVHFPAG
CDPFLLAQRALAVSASDLAAMGAAPLAFTLALTLPQADAEWLQGFARGLDAMARQCGLALVGGDTTRGPLSMTLTVFGRV
PAGQALTRAGARPGDLLCVGGPLGEAGAALELVLERRSAPAEVAEPLLARYWTPAPQFGLGLALRGKASAALDISDGLLA
DCGHIARASGVALLVECQRLQASAALSGLLAGEEALRQQLAAGDDYVLVFTLPPEYLGEIRAAWPAMAVIGRVEAGQGVH
LLDADGKELIPAAAGYQHFGTQRD
;
_entity_poly.pdbx_strand_id   B,A
#
loop_
_chem_comp.id
_chem_comp.type
_chem_comp.name
_chem_comp.formula
ANP non-polymer 'PHOSPHOAMINOPHOSPHONIC ACID-ADENYLATE ESTER' 'C10 H17 N6 O12 P3'
EDO non-polymer 1,2-ETHANEDIOL 'C2 H6 O2'
GOL non-polymer GLYCEROL 'C3 H8 O3'
MG non-polymer 'MAGNESIUM ION' 'Mg 2'
NA non-polymer 'SODIUM ION' 'Na 1'
PG4 non-polymer 'TETRAETHYLENE GLYCOL' 'C8 H18 O5'
#
# COMPACT_ATOMS: atom_id res chain seq x y z
N ASP A 12 -5.39 -54.11 31.69
CA ASP A 12 -4.00 -53.88 31.30
C ASP A 12 -3.07 -53.95 32.52
N LEU A 13 -1.89 -54.55 32.34
CA LEU A 13 -0.92 -54.73 33.41
C LEU A 13 0.07 -53.57 33.54
N GLY A 14 0.14 -52.68 32.56
CA GLY A 14 1.06 -51.56 32.59
C GLY A 14 2.42 -51.83 31.98
N THR A 15 2.58 -52.98 31.34
CA THR A 15 3.85 -53.40 30.76
C THR A 15 3.72 -53.54 29.24
N GLU A 16 4.83 -53.88 28.60
CA GLU A 16 4.85 -54.22 27.17
C GLU A 16 4.44 -53.04 26.30
N ASN A 17 5.13 -51.92 26.47
CA ASN A 17 4.93 -50.72 25.66
C ASN A 17 6.22 -50.36 24.96
N LEU A 18 6.13 -49.99 23.68
CA LEU A 18 7.31 -49.71 22.87
C LEU A 18 7.58 -48.21 22.86
N TYR A 19 8.75 -47.80 23.38
CA TYR A 19 9.17 -46.40 23.38
C TYR A 19 10.65 -46.31 23.01
N PHE A 20 11.12 -45.07 22.89
CA PHE A 20 12.53 -44.74 22.62
C PHE A 20 13.01 -45.30 21.28
N GLN A 21 12.08 -45.44 20.33
CA GLN A 21 12.38 -45.81 18.94
C GLN A 21 12.31 -44.62 17.98
N SER A 22 11.84 -43.47 18.45
CA SER A 22 11.47 -42.34 17.58
C SER A 22 11.12 -41.17 18.48
N MET A 23 10.66 -40.08 17.86
CA MET A 23 10.14 -38.91 18.57
C MET A 23 11.20 -38.28 19.48
N GLY A 24 12.45 -38.23 19.00
CA GLY A 24 13.59 -37.74 19.75
C GLY A 24 13.87 -36.26 19.58
N GLU A 25 15.16 -35.92 19.61
CA GLU A 25 15.57 -34.51 19.64
C GLU A 25 14.94 -33.70 18.51
N PHE A 26 15.01 -34.22 17.28
CA PHE A 26 14.54 -33.41 16.16
C PHE A 26 13.03 -33.36 16.07
N GLU A 27 12.32 -34.28 16.73
CA GLU A 27 10.87 -34.10 16.90
C GLU A 27 10.58 -32.92 17.82
N LEU A 28 11.33 -32.81 18.92
CA LEU A 28 11.14 -31.67 19.81
C LEU A 28 11.49 -30.36 19.12
N ILE A 29 12.50 -30.36 18.24
CA ILE A 29 12.78 -29.15 17.45
C ILE A 29 11.61 -28.84 16.54
N ARG A 30 11.10 -29.86 15.85
CA ARG A 30 10.00 -29.68 14.91
C ARG A 30 8.78 -29.04 15.57
N ARG A 31 8.55 -29.35 16.84
CA ARG A 31 7.37 -28.85 17.54
C ARG A 31 7.38 -27.33 17.70
N PHE A 32 8.53 -26.67 17.64
CA PHE A 32 8.51 -25.21 17.65
C PHE A 32 7.73 -24.68 16.46
N PHE A 33 7.75 -25.41 15.35
CA PHE A 33 7.04 -24.96 14.16
C PHE A 33 5.62 -25.51 14.09
N ALA A 34 5.40 -26.75 14.53
CA ALA A 34 4.04 -27.28 14.58
C ALA A 34 3.15 -26.44 15.49
N ALA A 35 3.74 -25.85 16.54
CA ALA A 35 3.01 -25.04 17.49
C ALA A 35 3.01 -23.55 17.15
N ALA A 36 3.72 -23.13 16.10
CA ALA A 36 3.83 -21.72 15.77
C ALA A 36 2.47 -21.14 15.39
N ALA A 37 2.28 -19.86 15.71
CA ALA A 37 1.00 -19.22 15.36
C ALA A 37 0.74 -19.29 13.86
N CYS A 38 1.79 -19.19 13.03
CA CYS A 38 1.56 -19.18 11.60
C CYS A 38 1.21 -20.56 11.03
N ALA A 39 1.26 -21.60 11.85
CA ALA A 39 0.84 -22.94 11.45
C ALA A 39 -0.67 -23.14 11.58
N ALA A 40 -1.41 -22.11 11.98
CA ALA A 40 -2.85 -22.26 12.22
C ALA A 40 -3.60 -22.49 10.90
N PRO A 41 -4.84 -22.98 10.97
CA PRO A 41 -5.65 -23.12 9.75
C PRO A 41 -5.74 -21.81 8.97
N ALA A 42 -5.89 -21.92 7.65
CA ALA A 42 -5.87 -20.75 6.79
C ALA A 42 -6.65 -21.01 5.52
N ALA A 43 -7.11 -19.93 4.90
CA ALA A 43 -7.86 -20.04 3.65
C ALA A 43 -7.00 -20.68 2.56
N ASP A 44 -7.62 -21.56 1.77
CA ASP A 44 -7.03 -22.26 0.63
C ASP A 44 -6.01 -23.31 1.07
N VAL A 45 -5.89 -23.60 2.36
CA VAL A 45 -5.02 -24.68 2.85
C VAL A 45 -5.94 -25.79 3.30
N ALA A 46 -6.03 -26.86 2.51
CA ALA A 46 -6.87 -27.99 2.89
C ALA A 46 -6.21 -28.86 3.95
N LEU A 47 -4.90 -28.87 4.04
CA LEU A 47 -4.19 -29.68 5.02
C LEU A 47 -2.86 -29.01 5.30
N GLY A 48 -2.63 -28.63 6.54
CA GLY A 48 -1.38 -28.01 6.97
C GLY A 48 -0.42 -29.02 7.56
N ILE A 49 0.36 -28.59 8.55
CA ILE A 49 1.42 -29.43 9.10
C ILE A 49 0.84 -30.72 9.69
N GLY A 50 1.56 -31.82 9.49
CA GLY A 50 1.28 -33.04 10.22
C GLY A 50 1.28 -34.31 9.39
N ASP A 51 1.24 -34.18 8.06
CA ASP A 51 1.17 -35.37 7.20
C ASP A 51 2.32 -35.30 6.21
N ASP A 52 2.41 -36.28 5.30
CA ASP A 52 3.59 -36.34 4.41
C ASP A 52 3.64 -35.16 3.45
N CYS A 53 2.47 -34.65 3.05
CA CYS A 53 2.37 -33.43 2.25
C CYS A 53 1.35 -32.50 2.87
N ALA A 54 1.53 -31.21 2.61
CA ALA A 54 0.45 -30.26 2.76
C ALA A 54 -0.42 -30.32 1.51
N LEU A 55 -1.67 -29.90 1.65
CA LEU A 55 -2.62 -29.86 0.52
C LEU A 55 -3.10 -28.41 0.32
N LEU A 56 -2.81 -27.85 -0.86
CA LEU A 56 -3.23 -26.47 -1.19
C LEU A 56 -4.40 -26.49 -2.19
N ALA A 57 -5.35 -25.59 -2.01
CA ALA A 57 -6.57 -25.61 -2.84
C ALA A 57 -6.92 -24.18 -3.29
N PRO A 58 -6.14 -23.60 -4.20
CA PRO A 58 -6.39 -22.26 -4.69
C PRO A 58 -7.76 -22.26 -5.39
N PRO A 59 -8.58 -21.21 -5.22
CA PRO A 59 -9.92 -21.23 -5.81
C PRO A 59 -9.81 -21.44 -7.31
N ALA A 60 -10.73 -22.19 -7.91
CA ALA A 60 -10.66 -22.55 -9.36
C ALA A 60 -10.26 -21.39 -10.27
N GLY A 61 -9.51 -21.74 -11.30
CA GLY A 61 -9.07 -20.72 -12.26
C GLY A 61 -7.77 -20.08 -11.80
N GLU A 62 -7.36 -20.34 -10.56
CA GLU A 62 -6.15 -19.63 -10.10
C GLU A 62 -4.98 -20.61 -10.10
N GLN A 63 -3.87 -20.16 -10.63
CA GLN A 63 -2.66 -20.99 -10.66
C GLN A 63 -1.87 -20.79 -9.36
N LEU A 64 -1.02 -21.77 -9.06
CA LEU A 64 -0.15 -21.67 -7.90
C LEU A 64 1.22 -21.17 -8.34
N ALA A 65 1.65 -20.04 -7.80
CA ALA A 65 3.00 -19.54 -8.04
C ALA A 65 3.92 -20.12 -6.96
N VAL A 66 5.06 -20.67 -7.36
CA VAL A 66 5.95 -21.39 -6.45
C VAL A 66 7.37 -20.85 -6.61
N SER A 67 8.03 -20.56 -5.48
CA SER A 67 9.42 -20.10 -5.49
C SER A 67 10.15 -20.70 -4.30
N THR A 68 11.45 -20.94 -4.45
CA THR A 68 12.29 -21.46 -3.36
C THR A 68 13.55 -20.61 -3.24
N ASP A 69 13.98 -20.34 -2.00
CA ASP A 69 15.22 -19.61 -1.75
C ASP A 69 15.92 -20.24 -0.56
N THR A 70 17.25 -20.24 -0.60
CA THR A 70 18.08 -20.74 0.50
C THR A 70 18.91 -19.62 1.12
N LEU A 71 18.95 -19.58 2.45
CA LEU A 71 19.84 -18.69 3.18
C LEU A 71 20.85 -19.53 3.96
N VAL A 72 22.13 -19.30 3.71
CA VAL A 72 23.23 -20.07 4.28
C VAL A 72 23.95 -19.21 5.32
N GLU A 73 24.22 -19.79 6.50
CA GLU A 73 24.91 -19.03 7.55
C GLU A 73 26.26 -18.55 7.06
N GLY A 74 26.53 -17.26 7.24
CA GLY A 74 27.77 -16.65 6.81
C GLY A 74 27.73 -16.11 5.40
N VAL A 75 26.72 -16.47 4.62
CA VAL A 75 26.60 -16.05 3.22
C VAL A 75 25.44 -15.06 3.04
N HIS A 76 24.23 -15.45 3.44
CA HIS A 76 23.06 -14.58 3.33
C HIS A 76 22.67 -13.94 4.65
N PHE A 77 23.42 -14.22 5.71
CA PHE A 77 23.22 -13.59 7.01
C PHE A 77 24.45 -13.87 7.84
N PRO A 78 24.75 -13.01 8.84
CA PRO A 78 25.94 -13.24 9.65
C PRO A 78 25.72 -14.30 10.72
N ALA A 79 26.77 -15.08 10.95
CA ALA A 79 26.74 -16.05 12.04
C ALA A 79 26.47 -15.35 13.36
N GLY A 80 25.74 -16.02 14.24
CA GLY A 80 25.45 -15.49 15.57
C GLY A 80 24.45 -14.36 15.64
N CYS A 81 23.70 -14.10 14.57
CA CYS A 81 22.75 -13.00 14.57
C CYS A 81 21.50 -13.38 15.35
N ASP A 82 20.70 -12.36 15.67
CA ASP A 82 19.45 -12.55 16.39
C ASP A 82 18.56 -13.47 15.56
N PRO A 83 18.12 -14.61 16.11
CA PRO A 83 17.22 -15.50 15.34
C PRO A 83 15.87 -14.88 15.08
N PHE A 84 15.41 -13.97 15.96
CA PHE A 84 14.14 -13.29 15.74
C PHE A 84 14.19 -12.45 14.47
N LEU A 85 15.30 -11.75 14.25
CA LEU A 85 15.46 -10.98 13.02
C LEU A 85 15.70 -11.90 11.81
N LEU A 86 16.49 -12.95 12.01
CA LEU A 86 16.85 -13.83 10.91
C LEU A 86 15.62 -14.49 10.30
N ALA A 87 14.69 -14.97 11.13
CA ALA A 87 13.50 -15.64 10.60
C ALA A 87 12.65 -14.68 9.77
N GLN A 88 12.53 -13.43 10.22
CA GLN A 88 11.81 -12.43 9.44
C GLN A 88 12.50 -12.18 8.11
N ARG A 89 13.82 -12.05 8.12
CA ARG A 89 14.56 -11.81 6.88
C ARG A 89 14.40 -12.98 5.91
N ALA A 90 14.55 -14.20 6.42
CA ALA A 90 14.46 -15.38 5.56
C ALA A 90 13.09 -15.45 4.87
N LEU A 91 12.01 -15.25 5.63
CA LEU A 91 10.68 -15.35 5.04
C LEU A 91 10.41 -14.18 4.09
N ALA A 92 10.84 -12.98 4.47
CA ALA A 92 10.56 -11.80 3.63
C ALA A 92 11.28 -11.91 2.29
N VAL A 93 12.57 -12.25 2.30
CA VAL A 93 13.27 -12.30 1.02
C VAL A 93 12.69 -13.40 0.14
N SER A 94 12.24 -14.51 0.74
CA SER A 94 11.65 -15.56 -0.06
C SER A 94 10.28 -15.15 -0.60
N ALA A 95 9.48 -14.51 0.25
CA ALA A 95 8.14 -14.08 -0.15
C ALA A 95 8.17 -12.98 -1.21
N SER A 96 9.29 -12.27 -1.33
CA SER A 96 9.40 -11.21 -2.34
C SER A 96 9.21 -11.75 -3.74
N ASP A 97 9.53 -13.03 -3.98
CA ASP A 97 9.33 -13.57 -5.33
C ASP A 97 7.85 -13.71 -5.68
N LEU A 98 6.97 -13.93 -4.70
CA LEU A 98 5.54 -13.92 -4.99
C LEU A 98 5.08 -12.53 -5.46
N ALA A 99 5.53 -11.49 -4.78
CA ALA A 99 5.23 -10.13 -5.21
C ALA A 99 5.76 -9.87 -6.62
N ALA A 100 6.94 -10.41 -6.94
CA ALA A 100 7.52 -10.25 -8.27
C ALA A 100 6.64 -10.84 -9.38
N MET A 101 5.75 -11.78 -9.06
CA MET A 101 4.81 -12.36 -10.01
C MET A 101 3.43 -11.74 -9.97
N GLY A 102 3.18 -10.79 -9.07
CA GLY A 102 1.80 -10.40 -8.82
C GLY A 102 0.94 -11.46 -8.17
N ALA A 103 1.54 -12.43 -7.47
CA ALA A 103 0.74 -13.43 -6.79
C ALA A 103 0.24 -12.94 -5.43
N ALA A 104 -0.93 -13.41 -5.06
CA ALA A 104 -1.37 -13.16 -3.69
C ALA A 104 -0.80 -14.24 -2.76
N PRO A 105 -0.34 -13.88 -1.57
CA PRO A 105 0.33 -14.87 -0.70
C PRO A 105 -0.62 -15.93 -0.17
N LEU A 106 -0.10 -17.15 -0.05
CA LEU A 106 -0.93 -18.25 0.43
C LEU A 106 -0.21 -19.02 1.56
N ALA A 107 0.96 -19.58 1.28
CA ALA A 107 1.54 -20.52 2.24
C ALA A 107 3.04 -20.69 1.99
N PHE A 108 3.70 -21.42 2.88
CA PHE A 108 5.11 -21.73 2.67
C PHE A 108 5.52 -22.96 3.47
N THR A 109 6.64 -23.55 3.06
CA THR A 109 7.30 -24.60 3.81
C THR A 109 8.67 -24.13 4.25
N LEU A 110 9.11 -24.66 5.39
CA LEU A 110 10.39 -24.30 6.00
C LEU A 110 11.23 -25.57 6.12
N ALA A 111 12.32 -25.62 5.36
CA ALA A 111 13.33 -26.67 5.53
C ALA A 111 14.45 -26.05 6.36
N LEU A 112 14.57 -26.47 7.60
CA LEU A 112 15.58 -25.91 8.49
C LEU A 112 16.64 -26.96 8.78
N THR A 113 17.91 -26.58 8.61
CA THR A 113 19.04 -27.43 8.98
C THR A 113 19.79 -26.73 10.10
N LEU A 114 20.09 -27.46 11.17
CA LEU A 114 20.78 -26.83 12.29
C LEU A 114 21.63 -27.89 13.00
N PRO A 115 22.72 -27.47 13.64
CA PRO A 115 23.67 -28.46 14.17
C PRO A 115 23.08 -29.33 15.28
N GLN A 116 22.27 -28.73 16.15
CA GLN A 116 21.59 -29.42 17.24
C GLN A 116 20.52 -28.49 17.76
N ALA A 117 19.68 -29.01 18.63
CA ALA A 117 18.67 -28.15 19.27
C ALA A 117 19.34 -27.02 20.05
N ASP A 118 18.72 -25.85 19.99
CA ASP A 118 19.07 -24.70 20.85
C ASP A 118 17.74 -24.04 21.17
N ALA A 119 17.24 -24.24 22.40
CA ALA A 119 15.87 -23.87 22.72
C ALA A 119 15.63 -22.38 22.60
N GLU A 120 16.60 -21.57 23.04
CA GLU A 120 16.40 -20.12 22.98
C GLU A 120 16.48 -19.62 21.55
N TRP A 121 17.41 -20.16 20.76
CA TRP A 121 17.46 -19.82 19.34
C TRP A 121 16.13 -20.16 18.67
N LEU A 122 15.62 -21.36 18.93
CA LEU A 122 14.40 -21.81 18.25
C LEU A 122 13.20 -20.98 18.67
N GLN A 123 13.07 -20.67 19.96
CA GLN A 123 11.98 -19.83 20.43
C GLN A 123 11.99 -18.46 19.74
N GLY A 124 13.16 -17.85 19.64
CA GLY A 124 13.25 -16.56 18.96
C GLY A 124 13.00 -16.67 17.48
N PHE A 125 13.55 -17.72 16.85
CA PHE A 125 13.32 -17.94 15.42
C PHE A 125 11.83 -18.13 15.15
N ALA A 126 11.15 -18.99 15.93
CA ALA A 126 9.73 -19.22 15.68
C ALA A 126 8.92 -17.94 15.92
N ARG A 127 9.30 -17.15 16.93
CA ARG A 127 8.57 -15.90 17.18
C ARG A 127 8.72 -14.94 16.01
N GLY A 128 9.92 -14.80 15.46
CA GLY A 128 10.10 -13.91 14.30
C GLY A 128 9.40 -14.43 13.07
N LEU A 129 9.43 -15.75 12.86
CA LEU A 129 8.72 -16.34 11.73
C LEU A 129 7.23 -16.03 11.84
N ASP A 130 6.66 -16.14 13.02
CA ASP A 130 5.23 -15.77 13.19
C ASP A 130 4.98 -14.32 12.77
N ALA A 131 5.86 -13.42 13.19
CA ALA A 131 5.59 -11.99 12.92
C ALA A 131 5.59 -11.71 11.42
N MET A 132 6.61 -12.20 10.72
CA MET A 132 6.71 -11.92 9.27
C MET A 132 5.58 -12.64 8.54
N ALA A 133 5.25 -13.84 8.99
CA ALA A 133 4.20 -14.63 8.31
C ALA A 133 2.86 -13.90 8.42
N ARG A 134 2.60 -13.37 9.61
CA ARG A 134 1.34 -12.60 9.81
C ARG A 134 1.39 -11.37 8.91
N GLN A 135 2.54 -10.72 8.88
CA GLN A 135 2.69 -9.51 8.04
C GLN A 135 2.46 -9.89 6.59
N CYS A 136 2.96 -11.05 6.17
CA CYS A 136 2.89 -11.45 4.75
C CYS A 136 1.61 -12.21 4.42
N GLY A 137 0.78 -12.54 5.41
CA GLY A 137 -0.39 -13.36 5.12
C GLY A 137 -0.06 -14.77 4.67
N LEU A 138 1.03 -15.35 5.16
CA LEU A 138 1.49 -16.68 4.73
C LEU A 138 1.30 -17.70 5.85
N ALA A 139 0.62 -18.81 5.52
CA ALA A 139 0.51 -19.94 6.44
C ALA A 139 1.71 -20.87 6.31
N LEU A 140 2.26 -21.31 7.45
CA LEU A 140 3.29 -22.35 7.43
C LEU A 140 2.58 -23.71 7.39
N VAL A 141 2.78 -24.44 6.30
CA VAL A 141 2.01 -25.66 6.06
C VAL A 141 2.86 -26.93 6.07
N GLY A 142 4.18 -26.83 6.15
CA GLY A 142 4.99 -28.03 6.11
C GLY A 142 6.45 -27.65 6.13
N GLY A 143 7.30 -28.66 6.06
CA GLY A 143 8.71 -28.39 6.13
C GLY A 143 9.51 -29.65 6.37
N ASP A 144 10.77 -29.43 6.73
CA ASP A 144 11.66 -30.51 7.10
C ASP A 144 12.66 -29.95 8.11
N THR A 145 13.12 -30.82 9.02
CA THR A 145 14.04 -30.45 10.09
C THR A 145 15.19 -31.44 10.07
N THR A 146 16.41 -30.95 9.82
CA THR A 146 17.56 -31.81 9.60
C THR A 146 18.77 -31.28 10.35
N ARG A 147 19.74 -32.19 10.58
CA ARG A 147 20.97 -31.87 11.28
C ARG A 147 22.05 -31.49 10.29
N GLY A 148 22.79 -30.43 10.61
CA GLY A 148 23.90 -29.99 9.79
C GLY A 148 24.23 -28.53 9.98
N PRO A 149 25.17 -28.03 9.17
CA PRO A 149 25.50 -26.60 9.24
C PRO A 149 24.26 -25.75 8.95
N LEU A 150 24.14 -24.65 9.69
CA LEU A 150 22.91 -23.86 9.71
C LEU A 150 22.53 -23.34 8.33
N SER A 151 21.30 -23.62 7.93
CA SER A 151 20.80 -23.28 6.61
C SER A 151 19.29 -23.35 6.65
N MET A 152 18.63 -22.57 5.79
CA MET A 152 17.18 -22.68 5.70
C MET A 152 16.77 -22.50 4.25
N THR A 153 15.88 -23.35 3.78
CA THR A 153 15.31 -23.22 2.43
C THR A 153 13.82 -23.05 2.58
N LEU A 154 13.32 -21.92 2.15
CA LEU A 154 11.89 -21.61 2.25
C LEU A 154 11.29 -21.72 0.86
N THR A 155 10.16 -22.40 0.77
CA THR A 155 9.44 -22.49 -0.49
C THR A 155 8.09 -21.83 -0.28
N VAL A 156 7.82 -20.78 -1.07
CA VAL A 156 6.62 -19.97 -0.89
C VAL A 156 5.63 -20.26 -2.01
N PHE A 157 4.35 -20.12 -1.70
CA PHE A 157 3.25 -20.44 -2.60
C PHE A 157 2.30 -19.26 -2.61
N GLY A 158 1.91 -18.82 -3.81
CA GLY A 158 0.90 -17.80 -3.96
C GLY A 158 -0.10 -18.20 -5.03
N ARG A 159 -1.14 -17.38 -5.19
CA ARG A 159 -2.15 -17.65 -6.19
C ARG A 159 -2.25 -16.47 -7.14
N VAL A 160 -2.50 -16.77 -8.41
CA VAL A 160 -2.65 -15.74 -9.43
C VAL A 160 -3.56 -16.27 -10.53
N PRO A 161 -4.50 -15.46 -11.04
CA PRO A 161 -5.36 -15.92 -12.13
C PRO A 161 -4.52 -16.25 -13.37
N ALA A 162 -4.96 -17.28 -14.08
CA ALA A 162 -4.24 -17.68 -15.29
C ALA A 162 -4.10 -16.50 -16.25
N GLY A 163 -2.90 -16.35 -16.80
CA GLY A 163 -2.62 -15.30 -17.74
C GLY A 163 -2.32 -13.96 -17.14
N GLN A 164 -2.46 -13.79 -15.82
CA GLN A 164 -2.24 -12.49 -15.22
C GLN A 164 -0.93 -12.36 -14.48
N ALA A 165 -0.11 -13.42 -14.40
CA ALA A 165 1.16 -13.29 -13.69
C ALA A 165 2.08 -12.30 -14.38
N LEU A 166 2.86 -11.58 -13.57
CA LEU A 166 3.91 -10.70 -14.08
C LEU A 166 5.13 -11.54 -14.45
N THR A 167 5.62 -11.37 -15.68
CA THR A 167 6.77 -12.11 -16.17
C THR A 167 7.89 -11.14 -16.54
N ARG A 168 9.10 -11.69 -16.70
CA ARG A 168 10.26 -10.86 -17.05
C ARG A 168 10.33 -10.52 -18.54
N ALA A 169 9.55 -11.22 -19.36
CA ALA A 169 9.51 -10.81 -20.77
C ALA A 169 8.39 -9.77 -20.94
N GLY A 170 8.25 -9.22 -22.14
CA GLY A 170 7.17 -8.26 -22.41
C GLY A 170 7.55 -6.81 -22.21
N ALA A 171 8.75 -6.51 -21.70
CA ALA A 171 9.13 -5.08 -21.66
C ALA A 171 9.19 -4.60 -23.11
N ARG A 172 8.65 -3.42 -23.39
CA ARG A 172 8.59 -2.97 -24.80
C ARG A 172 9.09 -1.54 -24.94
N PRO A 173 9.76 -1.20 -26.05
CA PRO A 173 10.33 0.14 -26.20
C PRO A 173 9.19 1.15 -26.09
N GLY A 174 9.44 2.25 -25.39
CA GLY A 174 8.37 3.22 -25.13
C GLY A 174 7.83 3.04 -23.73
N ASP A 175 7.97 1.85 -23.17
CA ASP A 175 7.56 1.64 -21.80
C ASP A 175 8.44 2.45 -20.86
N LEU A 176 7.86 2.85 -19.73
CA LEU A 176 8.62 3.46 -18.66
C LEU A 176 9.33 2.37 -17.85
N LEU A 177 10.53 2.69 -17.36
CA LEU A 177 11.23 1.84 -16.40
C LEU A 177 11.05 2.43 -15.01
N CYS A 178 10.56 1.61 -14.08
CA CYS A 178 10.16 2.07 -12.75
C CYS A 178 10.67 1.14 -11.66
N VAL A 179 10.77 1.67 -10.43
CA VAL A 179 11.01 0.84 -9.26
C VAL A 179 9.93 1.12 -8.21
N GLY A 180 9.76 0.17 -7.28
CA GLY A 180 8.71 0.31 -6.30
C GLY A 180 9.09 1.00 -5.00
N GLY A 181 10.29 1.52 -4.88
CA GLY A 181 10.72 2.14 -3.64
C GLY A 181 12.19 2.53 -3.66
N PRO A 182 12.68 3.08 -2.56
CA PRO A 182 14.08 3.50 -2.49
C PRO A 182 15.06 2.33 -2.64
N LEU A 183 16.19 2.61 -3.28
CA LEU A 183 17.23 1.62 -3.52
C LEU A 183 18.45 1.85 -2.63
N GLY A 184 19.24 0.80 -2.46
CA GLY A 184 20.52 0.85 -1.76
C GLY A 184 20.44 0.83 -0.25
N GLU A 185 19.23 0.83 0.33
CA GLU A 185 19.11 0.95 1.79
C GLU A 185 19.64 -0.29 2.50
N ALA A 186 19.40 -1.48 1.93
CA ALA A 186 19.93 -2.69 2.57
C ALA A 186 21.44 -2.77 2.46
N GLY A 187 22.01 -2.27 1.37
CA GLY A 187 23.46 -2.23 1.26
C GLY A 187 24.07 -1.29 2.28
N ALA A 188 23.43 -0.13 2.49
CA ALA A 188 23.85 0.76 3.55
C ALA A 188 23.72 0.10 4.92
N ALA A 189 22.57 -0.55 5.16
CA ALA A 189 22.34 -1.23 6.43
C ALA A 189 23.42 -2.27 6.72
N LEU A 190 23.95 -2.91 5.69
CA LEU A 190 24.96 -3.92 5.92
C LEU A 190 26.22 -3.32 6.54
N GLU A 191 26.49 -2.05 6.24
CA GLU A 191 27.61 -1.38 6.88
C GLU A 191 27.41 -1.31 8.39
N LEU A 192 26.17 -1.09 8.82
CA LEU A 192 25.83 -1.07 10.24
C LEU A 192 25.83 -2.48 10.83
N VAL A 193 25.28 -3.44 10.10
CA VAL A 193 25.20 -4.82 10.59
C VAL A 193 26.59 -5.35 10.88
N LEU A 194 27.53 -5.11 9.97
CA LEU A 194 28.92 -5.52 10.13
C LEU A 194 29.73 -4.57 10.99
N GLU A 195 29.12 -3.51 11.53
CA GLU A 195 29.79 -2.53 12.39
C GLU A 195 31.01 -1.91 11.68
N ARG A 196 30.97 -1.82 10.36
CA ARG A 196 31.98 -1.03 9.66
C ARG A 196 31.72 0.46 9.79
N ARG A 197 30.47 0.86 10.06
CA ARG A 197 30.11 2.24 10.31
C ARG A 197 29.19 2.32 11.52
N SER A 198 29.07 3.53 12.06
CA SER A 198 28.17 3.84 13.16
C SER A 198 27.12 4.83 12.67
N ALA A 199 26.04 4.94 13.44
CA ALA A 199 25.00 5.92 13.14
C ALA A 199 24.06 6.09 14.32
N PRO A 200 23.43 7.25 14.49
CA PRO A 200 22.41 7.39 15.53
C PRO A 200 21.15 6.65 15.15
N ALA A 201 20.34 6.36 16.17
CA ALA A 201 19.15 5.53 16.01
C ALA A 201 18.24 6.03 14.89
N GLU A 202 18.15 7.36 14.72
CA GLU A 202 17.29 7.91 13.68
C GLU A 202 17.75 7.48 12.29
N VAL A 203 19.04 7.23 12.12
CA VAL A 203 19.58 6.69 10.87
C VAL A 203 19.65 5.17 10.90
N ALA A 204 20.14 4.59 11.98
CA ALA A 204 20.36 3.15 12.00
C ALA A 204 19.05 2.38 11.91
N GLU A 205 18.02 2.81 12.63
CA GLU A 205 16.79 2.03 12.74
C GLU A 205 16.07 1.87 11.39
N PRO A 206 15.86 2.91 10.59
CA PRO A 206 15.20 2.68 9.31
C PRO A 206 15.99 1.80 8.35
N LEU A 207 17.32 1.91 8.35
CA LEU A 207 18.13 1.10 7.43
C LEU A 207 18.15 -0.36 7.87
N LEU A 208 18.37 -0.59 9.16
CA LEU A 208 18.39 -1.96 9.66
C LEU A 208 17.07 -2.68 9.38
N ALA A 209 15.95 -1.95 9.46
CA ALA A 209 14.67 -2.56 9.16
C ALA A 209 14.60 -3.02 7.70
N ARG A 210 15.37 -2.39 6.82
CA ARG A 210 15.36 -2.82 5.43
C ARG A 210 16.19 -4.09 5.23
N TYR A 211 17.22 -4.29 6.05
CA TYR A 211 18.01 -5.50 5.97
C TYR A 211 17.28 -6.68 6.61
N TRP A 212 16.79 -6.50 7.85
CA TRP A 212 16.20 -7.60 8.59
C TRP A 212 14.72 -7.80 8.27
N THR A 213 13.99 -6.75 7.89
CA THR A 213 12.54 -6.87 7.66
C THR A 213 12.13 -6.12 6.40
N PRO A 214 12.71 -6.44 5.25
CA PRO A 214 12.22 -5.84 3.99
C PRO A 214 10.79 -6.28 3.76
N ALA A 215 9.91 -5.31 3.52
CA ALA A 215 8.50 -5.63 3.31
C ALA A 215 8.28 -6.09 1.87
N PRO A 216 7.90 -7.36 1.64
CA PRO A 216 7.58 -7.78 0.27
C PRO A 216 6.46 -6.93 -0.30
N GLN A 217 6.62 -6.53 -1.57
CA GLN A 217 5.74 -5.52 -2.16
C GLN A 217 4.51 -6.16 -2.80
N PHE A 218 3.77 -6.94 -1.98
CA PHE A 218 2.59 -7.64 -2.49
C PHE A 218 1.61 -6.69 -3.15
N GLY A 219 1.35 -5.54 -2.51
CA GLY A 219 0.35 -4.62 -3.04
C GLY A 219 0.74 -4.07 -4.40
N LEU A 220 2.04 -3.81 -4.59
CA LEU A 220 2.48 -3.33 -5.90
C LEU A 220 2.33 -4.42 -6.96
N GLY A 221 2.77 -5.63 -6.65
CA GLY A 221 2.60 -6.73 -7.59
C GLY A 221 1.17 -6.92 -8.00
N LEU A 222 0.25 -6.85 -7.02
CA LEU A 222 -1.17 -7.00 -7.33
C LEU A 222 -1.66 -5.84 -8.18
N ALA A 223 -1.21 -4.62 -7.87
CA ALA A 223 -1.63 -3.46 -8.64
C ALA A 223 -1.16 -3.53 -10.08
N LEU A 224 -0.03 -4.21 -10.34
CA LEU A 224 0.54 -4.27 -11.67
C LEU A 224 -0.07 -5.34 -12.57
N ARG A 225 -0.93 -6.22 -12.05
CA ARG A 225 -1.54 -7.24 -12.90
C ARG A 225 -2.25 -6.61 -14.09
N GLY A 226 -1.98 -7.14 -15.28
CA GLY A 226 -2.54 -6.61 -16.50
C GLY A 226 -2.05 -5.23 -16.89
N LYS A 227 -1.12 -4.63 -16.13
CA LYS A 227 -0.64 -3.29 -16.44
C LYS A 227 0.86 -3.26 -16.74
N ALA A 228 1.69 -3.77 -15.83
CA ALA A 228 3.11 -3.84 -16.14
C ALA A 228 3.33 -4.74 -17.35
N SER A 229 4.24 -4.33 -18.24
CA SER A 229 4.61 -5.24 -19.33
C SER A 229 5.64 -6.27 -18.86
N ALA A 230 6.42 -5.95 -17.84
CA ALA A 230 7.36 -6.91 -17.27
C ALA A 230 7.75 -6.47 -15.86
N ALA A 231 8.21 -7.44 -15.05
CA ALA A 231 8.63 -7.12 -13.69
C ALA A 231 9.48 -8.23 -13.10
N LEU A 232 10.26 -7.89 -12.07
CA LEU A 232 10.85 -8.82 -11.12
C LEU A 232 11.19 -8.05 -9.86
N ASP A 233 11.65 -8.75 -8.83
CA ASP A 233 12.12 -8.07 -7.62
C ASP A 233 13.64 -7.92 -7.66
N ILE A 234 14.14 -6.81 -7.13
CA ILE A 234 15.59 -6.56 -7.12
C ILE A 234 16.17 -7.33 -5.95
N SER A 235 16.87 -8.43 -6.22
CA SER A 235 17.59 -9.16 -5.19
C SER A 235 19.10 -9.01 -5.30
N ASP A 236 19.64 -8.96 -6.51
CA ASP A 236 21.08 -8.87 -6.70
C ASP A 236 21.60 -7.46 -6.89
N GLY A 237 20.78 -6.56 -7.43
CA GLY A 237 21.19 -5.17 -7.63
C GLY A 237 20.42 -4.56 -8.77
N LEU A 238 20.21 -3.25 -8.75
CA LEU A 238 19.38 -2.61 -9.76
C LEU A 238 19.84 -2.96 -11.18
N LEU A 239 21.10 -2.68 -11.49
CA LEU A 239 21.54 -2.85 -12.87
C LEU A 239 21.55 -4.32 -13.27
N ALA A 240 21.98 -5.19 -12.36
CA ALA A 240 21.99 -6.62 -12.65
C ALA A 240 20.58 -7.14 -12.94
N ASP A 241 19.61 -6.77 -12.11
CA ASP A 241 18.27 -7.32 -12.31
C ASP A 241 17.53 -6.66 -13.48
N CYS A 242 17.83 -5.40 -13.81
CA CYS A 242 17.35 -4.85 -15.07
C CYS A 242 17.76 -5.74 -16.24
N GLY A 243 18.94 -6.35 -16.17
CA GLY A 243 19.40 -7.18 -17.26
C GLY A 243 18.51 -8.38 -17.53
N HIS A 244 17.83 -8.89 -16.49
CA HIS A 244 16.91 -10.00 -16.71
C HIS A 244 15.71 -9.57 -17.55
N ILE A 245 15.18 -8.36 -17.33
CA ILE A 245 14.08 -7.91 -18.18
C ILE A 245 14.60 -7.66 -19.59
N ALA A 246 15.73 -6.98 -19.71
CA ALA A 246 16.25 -6.63 -21.03
C ALA A 246 16.45 -7.87 -21.89
N ARG A 247 17.05 -8.90 -21.31
CA ARG A 247 17.33 -10.13 -22.06
C ARG A 247 16.07 -10.95 -22.32
N ALA A 248 15.18 -11.07 -21.33
CA ALA A 248 13.98 -11.88 -21.55
C ALA A 248 13.03 -11.21 -22.55
N SER A 249 13.04 -9.88 -22.61
CA SER A 249 12.18 -9.11 -23.50
C SER A 249 12.84 -8.74 -24.82
N GLY A 250 14.17 -8.82 -24.91
CA GLY A 250 14.88 -8.48 -26.12
C GLY A 250 14.85 -7.01 -26.44
N VAL A 251 15.14 -6.17 -25.44
CA VAL A 251 15.06 -4.73 -25.55
C VAL A 251 16.22 -4.12 -24.77
N ALA A 252 16.36 -2.81 -24.89
CA ALA A 252 17.32 -2.05 -24.09
C ALA A 252 16.58 -1.36 -22.95
N LEU A 253 17.18 -1.40 -21.76
CA LEU A 253 16.70 -0.67 -20.60
C LEU A 253 17.66 0.46 -20.29
N LEU A 254 17.13 1.69 -20.21
CA LEU A 254 17.94 2.86 -19.96
C LEU A 254 17.63 3.38 -18.56
N VAL A 255 18.66 3.50 -17.72
CA VAL A 255 18.50 3.99 -16.37
C VAL A 255 19.08 5.39 -16.34
N GLU A 256 18.27 6.36 -15.94
CA GLU A 256 18.72 7.75 -15.86
C GLU A 256 19.28 8.00 -14.47
N CYS A 257 20.58 8.22 -14.41
CA CYS A 257 21.28 8.30 -13.13
C CYS A 257 20.74 9.44 -12.28
N GLN A 258 20.23 10.50 -12.91
CA GLN A 258 19.67 11.63 -12.18
C GLN A 258 18.37 11.28 -11.47
N ARG A 259 17.66 10.26 -11.92
CA ARG A 259 16.38 9.87 -11.34
C ARG A 259 16.54 8.91 -10.15
N LEU A 260 17.76 8.60 -9.74
CA LEU A 260 17.99 7.74 -8.58
C LEU A 260 18.13 8.64 -7.34
N GLN A 261 16.99 8.98 -6.74
CA GLN A 261 16.95 9.83 -5.55
C GLN A 261 17.31 9.01 -4.33
N ALA A 262 18.43 9.33 -3.68
CA ALA A 262 18.76 8.68 -2.42
C ALA A 262 17.73 9.05 -1.35
N SER A 263 17.30 8.05 -0.58
CA SER A 263 16.29 8.31 0.43
C SER A 263 16.87 9.10 1.59
N ALA A 264 15.97 9.66 2.41
CA ALA A 264 16.38 10.29 3.65
C ALA A 264 17.20 9.31 4.50
N ALA A 265 16.74 8.07 4.62
CA ALA A 265 17.46 7.07 5.39
C ALA A 265 18.83 6.78 4.78
N LEU A 266 18.89 6.62 3.45
CA LEU A 266 20.18 6.36 2.81
C LEU A 266 21.11 7.55 2.99
N SER A 267 20.61 8.77 2.74
CA SER A 267 21.42 9.95 2.89
C SER A 267 21.88 10.15 4.33
N GLY A 268 21.11 9.64 5.29
CA GLY A 268 21.51 9.75 6.69
C GLY A 268 22.87 9.15 6.97
N LEU A 269 23.31 8.16 6.19
CA LEU A 269 24.59 7.48 6.49
C LEU A 269 25.60 7.73 5.39
N LEU A 270 25.13 7.76 4.15
CA LEU A 270 26.09 7.84 3.03
C LEU A 270 25.69 8.99 2.11
N ALA A 271 26.68 9.49 1.39
CA ALA A 271 26.40 10.63 0.51
C ALA A 271 27.03 10.43 -0.86
N GLY A 272 26.56 11.19 -1.83
CA GLY A 272 27.17 11.18 -3.16
C GLY A 272 27.39 9.84 -3.83
N GLU A 273 28.62 9.58 -4.23
CA GLU A 273 28.92 8.37 -5.02
C GLU A 273 28.69 7.12 -4.19
N GLU A 274 29.05 7.15 -2.91
CA GLU A 274 28.92 5.93 -2.08
C GLU A 274 27.45 5.53 -2.08
N ALA A 275 26.56 6.51 -1.98
CA ALA A 275 25.11 6.23 -1.96
C ALA A 275 24.66 5.73 -3.32
N LEU A 276 25.16 6.35 -4.38
CA LEU A 276 24.71 5.97 -5.74
C LEU A 276 25.17 4.53 -6.00
N ARG A 277 26.36 4.20 -5.52
CA ARG A 277 26.83 2.85 -5.78
C ARG A 277 25.94 1.82 -5.06
N GLN A 278 25.51 2.14 -3.84
CA GLN A 278 24.56 1.26 -3.15
C GLN A 278 23.27 1.14 -3.95
N GLN A 279 22.71 2.26 -4.41
CA GLN A 279 21.49 2.20 -5.23
C GLN A 279 21.68 1.31 -6.45
N LEU A 280 22.83 1.41 -7.12
CA LEU A 280 23.03 0.73 -8.39
C LEU A 280 23.33 -0.77 -8.22
N ALA A 281 23.93 -1.16 -7.10
CA ALA A 281 24.56 -2.47 -7.05
C ALA A 281 24.44 -3.20 -5.71
N ALA A 282 23.86 -2.59 -4.68
CA ALA A 282 23.78 -3.28 -3.38
C ALA A 282 22.90 -4.53 -3.45
N GLY A 283 21.81 -4.47 -4.20
CA GLY A 283 20.84 -5.57 -4.10
C GLY A 283 20.31 -5.72 -2.68
N ASP A 284 19.63 -6.84 -2.46
CA ASP A 284 18.87 -7.07 -1.22
C ASP A 284 17.82 -5.97 -1.01
N ASP A 285 17.43 -5.28 -2.08
CA ASP A 285 16.40 -4.23 -1.96
C ASP A 285 15.02 -4.83 -1.78
N TYR A 286 14.71 -5.91 -2.53
CA TYR A 286 13.39 -6.55 -2.53
C TYR A 286 12.30 -5.51 -2.80
N VAL A 287 12.64 -4.57 -3.68
CA VAL A 287 11.71 -3.67 -4.33
C VAL A 287 11.52 -4.15 -5.76
N LEU A 288 10.31 -4.01 -6.31
CA LEU A 288 10.13 -4.43 -7.69
C LEU A 288 10.80 -3.44 -8.64
N VAL A 289 11.32 -3.96 -9.75
CA VAL A 289 11.65 -3.17 -10.93
C VAL A 289 10.72 -3.63 -12.05
N PHE A 290 10.11 -2.68 -12.75
CA PHE A 290 9.07 -3.07 -13.70
C PHE A 290 9.02 -2.08 -14.85
N THR A 291 8.56 -2.57 -15.99
CA THR A 291 8.32 -1.74 -17.15
C THR A 291 6.83 -1.52 -17.31
N LEU A 292 6.46 -0.32 -17.74
CA LEU A 292 5.06 0.10 -17.62
C LEU A 292 4.67 0.97 -18.82
N PRO A 293 3.68 0.56 -19.60
CA PRO A 293 3.13 1.47 -20.61
C PRO A 293 2.77 2.80 -19.97
N PRO A 294 3.15 3.91 -20.61
CA PRO A 294 2.98 5.22 -19.94
C PRO A 294 1.55 5.52 -19.54
N GLU A 295 0.56 4.94 -20.23
CA GLU A 295 -0.85 5.21 -19.93
C GLU A 295 -1.26 4.77 -18.52
N TYR A 296 -0.47 3.90 -17.87
CA TYR A 296 -0.81 3.42 -16.54
C TYR A 296 -0.05 4.13 -15.44
N LEU A 297 0.78 5.11 -15.76
CA LEU A 297 1.64 5.72 -14.72
C LEU A 297 0.80 6.28 -13.57
N GLY A 298 -0.19 7.10 -13.89
CA GLY A 298 -0.96 7.76 -12.81
C GLY A 298 -1.58 6.76 -11.85
N GLU A 299 -2.21 5.72 -12.39
CA GLU A 299 -2.86 4.66 -11.56
C GLU A 299 -1.86 4.00 -10.63
N ILE A 300 -0.70 3.64 -11.16
CA ILE A 300 0.28 2.91 -10.32
C ILE A 300 0.86 3.88 -9.30
N ARG A 301 1.05 5.14 -9.70
CA ARG A 301 1.49 6.12 -8.70
C ARG A 301 0.50 6.24 -7.55
N ALA A 302 -0.79 6.21 -7.86
CA ALA A 302 -1.81 6.33 -6.82
C ALA A 302 -1.87 5.06 -5.98
N ALA A 303 -1.72 3.90 -6.62
CA ALA A 303 -1.76 2.64 -5.90
C ALA A 303 -0.53 2.44 -5.03
N TRP A 304 0.62 2.94 -5.49
CA TRP A 304 1.90 2.71 -4.79
C TRP A 304 2.77 3.97 -4.86
N PRO A 305 2.49 5.00 -4.03
CA PRO A 305 3.20 6.28 -4.08
C PRO A 305 4.73 6.24 -3.92
N ALA A 306 5.27 5.17 -3.35
CA ALA A 306 6.74 5.06 -3.22
C ALA A 306 7.37 4.76 -4.59
N MET A 307 6.56 4.42 -5.57
CA MET A 307 7.10 4.04 -6.90
C MET A 307 7.79 5.26 -7.54
N ALA A 308 8.77 4.99 -8.39
CA ALA A 308 9.49 6.08 -9.07
C ALA A 308 9.84 5.68 -10.50
N VAL A 309 9.74 6.63 -11.42
CA VAL A 309 10.21 6.37 -12.80
C VAL A 309 11.71 6.63 -12.77
N ILE A 310 12.48 5.67 -13.29
CA ILE A 310 13.93 5.80 -13.28
C ILE A 310 14.53 5.77 -14.69
N GLY A 311 13.71 5.60 -15.72
CA GLY A 311 14.23 5.46 -17.08
C GLY A 311 13.15 5.01 -18.05
N ARG A 312 13.60 4.35 -19.12
CA ARG A 312 12.68 3.97 -20.18
C ARG A 312 13.22 2.76 -20.93
N VAL A 313 12.36 2.19 -21.75
CA VAL A 313 12.68 1.04 -22.61
C VAL A 313 12.77 1.51 -24.05
N GLU A 314 13.78 1.02 -24.78
CA GLU A 314 13.91 1.29 -26.20
C GLU A 314 14.29 0.02 -26.95
N ALA A 315 14.12 0.06 -28.26
CA ALA A 315 14.64 -1.02 -29.09
C ALA A 315 16.14 -1.11 -28.93
N GLY A 316 16.66 -2.33 -28.92
CA GLY A 316 18.08 -2.52 -28.71
C GLY A 316 18.40 -3.68 -27.79
N GLN A 317 19.54 -3.60 -27.10
CA GLN A 317 20.04 -4.64 -26.22
C GLN A 317 20.67 -4.00 -25.00
N GLY A 318 20.62 -4.71 -23.87
CA GLY A 318 21.44 -4.38 -22.72
C GLY A 318 20.84 -3.35 -21.78
N VAL A 319 21.55 -3.13 -20.67
CA VAL A 319 21.20 -2.12 -19.67
C VAL A 319 22.19 -0.96 -19.80
N HIS A 320 21.68 0.27 -19.75
CA HIS A 320 22.47 1.46 -20.03
C HIS A 320 22.24 2.49 -18.92
N LEU A 321 23.31 2.83 -18.19
CA LEU A 321 23.24 3.87 -17.18
C LEU A 321 23.65 5.20 -17.83
N LEU A 322 22.77 6.19 -17.77
CA LEU A 322 22.99 7.48 -18.43
C LEU A 322 23.13 8.60 -17.40
N ASP A 323 24.07 9.51 -17.67
CA ASP A 323 24.24 10.67 -16.80
C ASP A 323 23.28 11.78 -17.22
N ALA A 324 23.39 12.94 -16.54
CA ALA A 324 22.45 14.04 -16.73
C ALA A 324 22.41 14.55 -18.16
N ASP A 325 23.46 14.34 -18.94
CA ASP A 325 23.53 14.77 -20.33
C ASP A 325 23.18 13.65 -21.30
N GLY A 326 22.73 12.50 -20.80
CA GLY A 326 22.39 11.38 -21.65
C GLY A 326 23.56 10.55 -22.11
N LYS A 327 24.75 10.73 -21.54
CA LYS A 327 25.87 9.91 -21.96
C LYS A 327 26.01 8.71 -21.03
N GLU A 328 26.47 7.61 -21.62
CA GLU A 328 26.48 6.33 -20.95
C GLU A 328 27.67 6.20 -20.00
N LEU A 329 27.40 5.77 -18.77
CA LEU A 329 28.42 5.57 -17.76
C LEU A 329 28.85 4.10 -17.75
N ILE A 330 30.15 3.87 -17.86
CA ILE A 330 30.74 2.53 -17.95
C ILE A 330 31.82 2.42 -16.87
N PRO A 331 31.83 1.34 -16.07
CA PRO A 331 32.93 1.18 -15.11
C PRO A 331 34.27 1.13 -15.81
N ALA A 332 35.31 1.60 -15.09
CA ALA A 332 36.61 1.85 -15.72
C ALA A 332 37.26 0.57 -16.24
N ALA A 333 36.94 -0.58 -15.65
CA ALA A 333 37.51 -1.85 -16.07
C ALA A 333 36.53 -2.98 -15.77
N ALA A 334 36.68 -4.09 -16.49
CA ALA A 334 35.85 -5.27 -16.27
C ALA A 334 35.91 -5.67 -14.80
N GLY A 335 34.74 -5.87 -14.20
CA GLY A 335 34.63 -6.24 -12.80
C GLY A 335 34.40 -5.07 -11.87
N TYR A 336 34.90 -3.89 -12.21
CA TYR A 336 34.66 -2.70 -11.40
C TYR A 336 33.18 -2.32 -11.44
N GLN A 337 32.77 -1.52 -10.48
CA GLN A 337 31.43 -0.95 -10.47
C GLN A 337 31.55 0.57 -10.54
N HIS A 338 30.41 1.22 -10.81
CA HIS A 338 30.40 2.68 -10.92
C HIS A 338 30.71 3.32 -9.57
N TYR B 19 -8.12 50.26 -19.85
CA TYR B 19 -7.48 49.84 -18.60
C TYR B 19 -8.37 50.19 -17.41
N PHE B 20 -8.22 49.42 -16.32
CA PHE B 20 -8.90 49.63 -15.05
C PHE B 20 -10.39 49.32 -15.09
N GLN B 21 -10.84 48.52 -16.07
CA GLN B 21 -12.21 48.00 -16.08
C GLN B 21 -12.30 46.59 -15.53
N SER B 22 -11.36 45.71 -15.85
CA SER B 22 -11.36 44.35 -15.34
C SER B 22 -9.93 43.98 -14.95
N MET B 23 -9.68 42.67 -14.78
CA MET B 23 -8.41 42.15 -14.27
C MET B 23 -8.06 42.80 -12.94
N GLY B 24 -9.06 42.95 -12.07
CA GLY B 24 -8.89 43.62 -10.79
C GLY B 24 -8.56 42.71 -9.62
N GLU B 25 -9.17 43.01 -8.45
CA GLU B 25 -8.81 42.33 -7.21
C GLU B 25 -8.89 40.82 -7.36
N PHE B 26 -9.96 40.33 -7.97
CA PHE B 26 -10.13 38.89 -8.00
C PHE B 26 -9.31 38.21 -9.07
N GLU B 27 -8.79 38.97 -10.05
CA GLU B 27 -7.75 38.43 -10.91
C GLU B 27 -6.45 38.25 -10.15
N LEU B 28 -6.08 39.21 -9.30
CA LEU B 28 -4.87 39.03 -8.49
C LEU B 28 -5.02 37.87 -7.52
N ILE B 29 -6.24 37.62 -7.02
CA ILE B 29 -6.49 36.44 -6.19
C ILE B 29 -6.29 35.18 -7.01
N ARG B 30 -6.86 35.15 -8.23
CA ARG B 30 -6.75 34.00 -9.12
C ARG B 30 -5.30 33.60 -9.36
N ARG B 31 -4.39 34.59 -9.42
CA ARG B 31 -3.00 34.29 -9.73
C ARG B 31 -2.33 33.43 -8.67
N PHE B 32 -2.83 33.41 -7.42
CA PHE B 32 -2.30 32.46 -6.46
C PHE B 32 -2.49 31.02 -6.95
N PHE B 33 -3.54 30.78 -7.71
CA PHE B 33 -3.82 29.42 -8.16
C PHE B 33 -3.21 29.13 -9.52
N ALA B 34 -3.15 30.13 -10.41
CA ALA B 34 -2.44 29.95 -11.67
C ALA B 34 -0.97 29.66 -11.42
N ALA B 35 -0.41 30.19 -10.33
CA ALA B 35 1.00 29.98 -9.98
C ALA B 35 1.23 28.78 -9.06
N ALA B 36 0.17 28.11 -8.60
CA ALA B 36 0.36 27.02 -7.65
C ALA B 36 1.14 25.88 -8.29
N ALA B 37 1.88 25.15 -7.45
CA ALA B 37 2.62 24.00 -7.95
C ALA B 37 1.69 23.00 -8.62
N CYS B 38 0.48 22.82 -8.08
CA CYS B 38 -0.41 21.79 -8.62
C CYS B 38 -1.02 22.19 -9.97
N ALA B 39 -0.81 23.42 -10.43
CA ALA B 39 -1.27 23.84 -11.75
C ALA B 39 -0.28 23.48 -12.87
N ALA B 40 0.85 22.85 -12.54
CA ALA B 40 1.86 22.45 -13.52
C ALA B 40 1.31 21.45 -14.54
N PRO B 41 1.96 21.32 -15.70
CA PRO B 41 1.54 20.30 -16.67
C PRO B 41 1.50 18.90 -16.05
N ALA B 42 0.61 18.07 -16.58
CA ALA B 42 0.34 16.77 -15.97
C ALA B 42 -0.15 15.80 -17.04
N ALA B 43 0.12 14.52 -16.81
CA ALA B 43 -0.34 13.48 -17.72
C ALA B 43 -1.85 13.57 -17.89
N ASP B 44 -2.31 13.36 -19.13
CA ASP B 44 -3.72 13.33 -19.49
C ASP B 44 -4.40 14.68 -19.40
N VAL B 45 -3.67 15.75 -19.09
CA VAL B 45 -4.22 17.10 -19.14
C VAL B 45 -3.70 17.71 -20.43
N ALA B 46 -4.58 17.78 -21.44
CA ALA B 46 -4.20 18.40 -22.70
C ALA B 46 -4.12 19.91 -22.58
N LEU B 47 -4.92 20.51 -21.69
CA LEU B 47 -4.90 21.95 -21.53
C LEU B 47 -5.29 22.25 -20.09
N GLY B 48 -4.42 22.95 -19.35
CA GLY B 48 -4.67 23.32 -17.97
C GLY B 48 -5.21 24.73 -17.86
N ILE B 49 -4.85 25.41 -16.77
CA ILE B 49 -5.41 26.73 -16.49
C ILE B 49 -5.08 27.70 -17.62
N GLY B 50 -6.05 28.51 -18.00
CA GLY B 50 -5.77 29.67 -18.83
C GLY B 50 -6.79 29.97 -19.91
N ASP B 51 -7.65 29.02 -20.21
CA ASP B 51 -8.58 29.16 -21.32
C ASP B 51 -9.99 28.94 -20.76
N ASP B 52 -11.01 28.97 -21.63
CA ASP B 52 -12.37 28.91 -21.12
C ASP B 52 -12.69 27.56 -20.49
N CYS B 53 -12.13 26.48 -21.02
CA CYS B 53 -12.22 25.17 -20.42
C CYS B 53 -10.82 24.58 -20.29
N ALA B 54 -10.69 23.66 -19.35
CA ALA B 54 -9.58 22.72 -19.39
C ALA B 54 -9.95 21.58 -20.32
N LEU B 55 -8.93 20.88 -20.83
CA LEU B 55 -9.13 19.75 -21.72
C LEU B 55 -8.51 18.50 -21.10
N LEU B 56 -9.34 17.51 -20.81
CA LEU B 56 -8.87 16.26 -20.20
C LEU B 56 -8.89 15.16 -21.26
N ALA B 57 -7.84 14.35 -21.28
CA ALA B 57 -7.66 13.33 -22.33
C ALA B 57 -7.32 11.99 -21.69
N PRO B 58 -8.26 11.38 -20.96
CA PRO B 58 -8.01 10.04 -20.41
C PRO B 58 -7.70 9.07 -21.53
N PRO B 59 -6.68 8.24 -21.38
CA PRO B 59 -6.23 7.39 -22.49
C PRO B 59 -7.05 6.11 -22.53
N ALA B 60 -6.72 5.28 -23.51
CA ALA B 60 -7.49 4.08 -23.81
C ALA B 60 -8.93 4.55 -24.03
N GLY B 61 -9.89 3.68 -23.80
CA GLY B 61 -11.27 4.13 -23.77
C GLY B 61 -11.74 4.29 -22.35
N GLU B 62 -10.90 4.82 -21.46
CA GLU B 62 -11.28 4.94 -20.06
C GLU B 62 -12.32 6.05 -19.89
N GLN B 63 -13.23 5.84 -18.94
CA GLN B 63 -14.27 6.81 -18.63
C GLN B 63 -13.75 7.83 -17.62
N LEU B 64 -14.43 8.99 -17.57
CA LEU B 64 -14.08 10.01 -16.58
C LEU B 64 -15.08 9.94 -15.43
N ALA B 65 -14.56 9.75 -14.21
CA ALA B 65 -15.38 9.81 -13.00
C ALA B 65 -15.36 11.25 -12.48
N VAL B 66 -16.54 11.81 -12.20
CA VAL B 66 -16.67 13.23 -11.86
C VAL B 66 -17.48 13.37 -10.59
N SER B 67 -16.99 14.18 -9.64
CA SER B 67 -17.70 14.42 -8.40
C SER B 67 -17.48 15.87 -7.98
N THR B 68 -18.44 16.44 -7.27
CA THR B 68 -18.34 17.82 -6.79
C THR B 68 -18.71 17.88 -5.32
N ASP B 69 -17.96 18.68 -4.54
CA ASP B 69 -18.23 18.89 -3.12
C ASP B 69 -18.10 20.37 -2.78
N THR B 70 -18.98 20.85 -1.90
CA THR B 70 -18.95 22.23 -1.43
C THR B 70 -18.69 22.27 0.07
N LEU B 71 -17.80 23.17 0.50
CA LEU B 71 -17.57 23.45 1.91
C LEU B 71 -17.83 24.93 2.17
N VAL B 72 -18.67 25.21 3.17
CA VAL B 72 -19.18 26.55 3.44
C VAL B 72 -18.66 26.99 4.81
N GLU B 73 -18.12 28.20 4.89
CA GLU B 73 -17.61 28.65 6.18
C GLU B 73 -18.76 28.82 7.17
N GLY B 74 -18.53 28.39 8.41
CA GLY B 74 -19.59 28.43 9.41
C GLY B 74 -20.52 27.24 9.35
N VAL B 75 -20.35 26.35 8.38
CA VAL B 75 -21.20 25.18 8.21
C VAL B 75 -20.33 23.94 8.22
N HIS B 76 -19.36 23.86 7.29
CA HIS B 76 -18.51 22.68 7.19
C HIS B 76 -17.13 22.90 7.80
N PHE B 77 -16.75 24.13 8.08
CA PHE B 77 -15.51 24.43 8.79
C PHE B 77 -15.70 25.73 9.54
N PRO B 78 -14.94 25.91 10.63
CA PRO B 78 -15.10 27.09 11.43
C PRO B 78 -14.42 28.34 10.89
N ALA B 79 -14.99 29.50 11.23
CA ALA B 79 -14.31 30.76 10.93
C ALA B 79 -12.98 30.71 11.68
N GLY B 80 -11.93 31.28 11.10
CA GLY B 80 -10.60 31.29 11.75
C GLY B 80 -9.80 30.03 11.49
N CYS B 81 -10.33 29.13 10.65
CA CYS B 81 -9.62 27.89 10.26
C CYS B 81 -8.26 28.23 9.65
N ASP B 82 -7.24 27.44 9.97
CA ASP B 82 -5.94 27.61 9.29
C ASP B 82 -6.14 27.29 7.81
N PRO B 83 -5.79 28.19 6.88
CA PRO B 83 -6.03 27.96 5.46
C PRO B 83 -5.23 26.77 4.91
N PHE B 84 -4.03 26.55 5.44
CA PHE B 84 -3.23 25.43 4.97
C PHE B 84 -3.93 24.11 5.26
N LEU B 85 -4.46 23.95 6.47
CA LEU B 85 -5.21 22.73 6.81
C LEU B 85 -6.55 22.67 6.06
N LEU B 86 -7.24 23.80 5.96
CA LEU B 86 -8.53 23.85 5.27
C LEU B 86 -8.44 23.37 3.82
N ALA B 87 -7.45 23.89 3.09
CA ALA B 87 -7.28 23.47 1.69
C ALA B 87 -7.02 21.97 1.58
N GLN B 88 -6.20 21.42 2.48
CA GLN B 88 -5.93 19.98 2.42
C GLN B 88 -7.21 19.19 2.67
N ARG B 89 -7.98 19.61 3.67
CA ARG B 89 -9.21 18.89 4.00
C ARG B 89 -10.24 18.99 2.89
N ALA B 90 -10.41 20.19 2.33
CA ALA B 90 -11.36 20.38 1.23
C ALA B 90 -11.02 19.49 0.05
N LEU B 91 -9.75 19.46 -0.35
CA LEU B 91 -9.39 18.62 -1.49
C LEU B 91 -9.48 17.13 -1.14
N ALA B 92 -9.09 16.75 0.08
CA ALA B 92 -9.11 15.34 0.46
C ALA B 92 -10.54 14.79 0.47
N VAL B 93 -11.48 15.51 1.10
CA VAL B 93 -12.83 14.95 1.19
C VAL B 93 -13.46 14.90 -0.19
N SER B 94 -13.10 15.85 -1.07
CA SER B 94 -13.60 15.82 -2.44
C SER B 94 -13.00 14.67 -3.23
N ALA B 95 -11.67 14.50 -3.14
CA ALA B 95 -10.98 13.41 -3.84
C ALA B 95 -11.42 12.03 -3.36
N SER B 96 -11.89 11.92 -2.11
CA SER B 96 -12.29 10.62 -1.60
C SER B 96 -13.41 10.01 -2.45
N ASP B 97 -14.22 10.84 -3.13
CA ASP B 97 -15.28 10.28 -3.97
C ASP B 97 -14.71 9.57 -5.20
N LEU B 98 -13.52 9.96 -5.66
CA LEU B 98 -12.85 9.19 -6.71
C LEU B 98 -12.45 7.81 -6.21
N ALA B 99 -11.88 7.74 -5.00
CA ALA B 99 -11.50 6.46 -4.43
C ALA B 99 -12.73 5.55 -4.25
N ALA B 100 -13.86 6.12 -3.87
CA ALA B 100 -15.12 5.38 -3.73
C ALA B 100 -15.57 4.68 -5.01
N MET B 101 -15.14 5.14 -6.18
CA MET B 101 -15.40 4.52 -7.49
C MET B 101 -14.29 3.64 -8.00
N GLY B 102 -13.18 3.53 -7.28
CA GLY B 102 -12.01 2.90 -7.87
C GLY B 102 -11.40 3.68 -9.02
N ALA B 103 -11.57 5.00 -9.05
CA ALA B 103 -10.99 5.81 -10.12
C ALA B 103 -9.56 6.19 -9.78
N ALA B 104 -8.72 6.27 -10.81
CA ALA B 104 -7.41 6.86 -10.59
C ALA B 104 -7.47 8.38 -10.74
N PRO B 105 -6.84 9.13 -9.84
CA PRO B 105 -6.96 10.60 -9.86
C PRO B 105 -6.36 11.21 -11.12
N LEU B 106 -6.98 12.32 -11.57
CA LEU B 106 -6.46 13.00 -12.74
C LEU B 106 -6.36 14.49 -12.47
N ALA B 107 -7.48 15.15 -12.15
CA ALA B 107 -7.49 16.61 -12.11
C ALA B 107 -8.64 17.12 -11.25
N PHE B 108 -8.66 18.43 -11.05
CA PHE B 108 -9.78 19.07 -10.37
C PHE B 108 -9.88 20.54 -10.74
N THR B 109 -11.07 21.10 -10.51
CA THR B 109 -11.24 22.54 -10.59
C THR B 109 -11.59 23.06 -9.20
N LEU B 110 -11.21 24.32 -8.97
CA LEU B 110 -11.43 25.02 -7.71
C LEU B 110 -12.33 26.22 -7.99
N ALA B 111 -13.53 26.22 -7.41
CA ALA B 111 -14.39 27.40 -7.39
C ALA B 111 -14.28 28.00 -6.00
N LEU B 112 -13.60 29.13 -5.88
CA LEU B 112 -13.37 29.75 -4.58
C LEU B 112 -14.17 31.04 -4.51
N THR B 113 -14.95 31.20 -3.45
CA THR B 113 -15.65 32.44 -3.18
C THR B 113 -15.09 33.01 -1.88
N LEU B 114 -14.81 34.31 -1.87
CA LEU B 114 -14.27 34.91 -0.66
C LEU B 114 -14.57 36.39 -0.69
N PRO B 115 -14.68 37.04 0.47
CA PRO B 115 -15.19 38.41 0.48
C PRO B 115 -14.21 39.42 -0.09
N GLN B 116 -12.92 39.15 -0.02
CA GLN B 116 -11.87 40.11 -0.33
C GLN B 116 -10.55 39.34 -0.28
N ALA B 117 -9.54 39.86 -0.96
CA ALA B 117 -8.22 39.26 -0.89
C ALA B 117 -7.69 39.31 0.54
N ASP B 118 -7.01 38.24 0.96
CA ASP B 118 -6.09 38.25 2.08
C ASP B 118 -4.85 37.49 1.63
N ALA B 119 -3.76 38.22 1.39
CA ALA B 119 -2.59 37.62 0.73
C ALA B 119 -2.01 36.49 1.57
N GLU B 120 -2.04 36.63 2.90
CA GLU B 120 -1.46 35.60 3.75
C GLU B 120 -2.36 34.36 3.81
N TRP B 121 -3.67 34.57 3.88
CA TRP B 121 -4.60 33.45 3.82
C TRP B 121 -4.46 32.70 2.50
N LEU B 122 -4.41 33.45 1.40
CA LEU B 122 -4.32 32.83 0.08
C LEU B 122 -3.01 32.07 -0.09
N GLN B 123 -1.90 32.63 0.41
CA GLN B 123 -0.63 31.90 0.30
C GLN B 123 -0.69 30.59 1.07
N GLY B 124 -1.27 30.61 2.28
CA GLY B 124 -1.42 29.39 3.04
C GLY B 124 -2.36 28.40 2.39
N PHE B 125 -3.49 28.89 1.88
CA PHE B 125 -4.44 28.03 1.20
C PHE B 125 -3.81 27.36 -0.02
N ALA B 126 -3.13 28.15 -0.86
CA ALA B 126 -2.50 27.59 -2.05
C ALA B 126 -1.43 26.58 -1.67
N ARG B 127 -0.71 26.83 -0.57
CA ARG B 127 0.33 25.90 -0.14
C ARG B 127 -0.28 24.57 0.31
N GLY B 128 -1.37 24.63 1.08
CA GLY B 128 -2.06 23.41 1.48
C GLY B 128 -2.67 22.67 0.30
N LEU B 129 -3.22 23.41 -0.67
CA LEU B 129 -3.75 22.79 -1.87
C LEU B 129 -2.65 22.04 -2.62
N ASP B 130 -1.51 22.68 -2.79
CA ASP B 130 -0.37 22.00 -3.44
C ASP B 130 -0.04 20.70 -2.72
N ALA B 131 0.04 20.74 -1.40
CA ALA B 131 0.48 19.52 -0.69
C ALA B 131 -0.49 18.36 -0.89
N MET B 132 -1.77 18.62 -0.72
CA MET B 132 -2.78 17.54 -0.84
C MET B 132 -2.86 17.08 -2.30
N ALA B 133 -2.78 18.01 -3.23
CA ALA B 133 -2.89 17.65 -4.67
C ALA B 133 -1.73 16.73 -5.04
N ARG B 134 -0.56 17.07 -4.53
CA ARG B 134 0.63 16.24 -4.79
C ARG B 134 0.41 14.86 -4.17
N GLN B 135 -0.12 14.84 -2.95
CA GLN B 135 -0.42 13.55 -2.28
C GLN B 135 -1.44 12.77 -3.11
N CYS B 136 -2.43 13.46 -3.66
CA CYS B 136 -3.51 12.78 -4.39
C CYS B 136 -3.20 12.60 -5.89
N GLY B 137 -2.08 13.14 -6.36
CA GLY B 137 -1.81 13.05 -7.79
C GLY B 137 -2.82 13.80 -8.64
N LEU B 138 -3.33 14.93 -8.17
CA LEU B 138 -4.36 15.70 -8.85
C LEU B 138 -3.77 17.00 -9.39
N ALA B 139 -4.05 17.28 -10.65
CA ALA B 139 -3.65 18.55 -11.26
C ALA B 139 -4.78 19.56 -11.16
N LEU B 140 -4.46 20.78 -10.73
CA LEU B 140 -5.44 21.86 -10.75
C LEU B 140 -5.49 22.43 -12.17
N VAL B 141 -6.64 22.27 -12.84
CA VAL B 141 -6.73 22.59 -14.27
C VAL B 141 -7.66 23.75 -14.59
N GLY B 142 -8.39 24.28 -13.61
CA GLY B 142 -9.34 25.34 -13.89
C GLY B 142 -10.10 25.68 -12.63
N GLY B 143 -11.05 26.59 -12.77
CA GLY B 143 -11.86 26.99 -11.64
C GLY B 143 -12.53 28.33 -11.91
N ASP B 144 -12.98 28.95 -10.82
CA ASP B 144 -13.58 30.27 -10.85
C ASP B 144 -13.27 30.95 -9.53
N THR B 145 -13.17 32.28 -9.56
CA THR B 145 -12.77 33.06 -8.40
C THR B 145 -13.79 34.17 -8.23
N THR B 146 -14.53 34.16 -7.13
CA THR B 146 -15.69 35.02 -7.01
C THR B 146 -15.75 35.70 -5.66
N ARG B 147 -16.43 36.85 -5.62
CA ARG B 147 -16.65 37.59 -4.39
C ARG B 147 -17.90 37.08 -3.70
N GLY B 148 -17.84 36.97 -2.37
CA GLY B 148 -18.98 36.58 -1.56
C GLY B 148 -18.55 35.93 -0.27
N PRO B 149 -19.51 35.43 0.52
CA PRO B 149 -19.17 34.71 1.76
C PRO B 149 -18.27 33.51 1.46
N LEU B 150 -17.34 33.25 2.37
CA LEU B 150 -16.30 32.24 2.13
C LEU B 150 -16.90 30.86 1.85
N SER B 151 -16.56 30.29 0.69
CA SER B 151 -17.09 29.01 0.27
C SER B 151 -16.16 28.45 -0.79
N MET B 152 -16.14 27.12 -0.90
CA MET B 152 -15.35 26.54 -1.98
C MET B 152 -16.07 25.32 -2.53
N THR B 153 -16.09 25.20 -3.85
CA THR B 153 -16.64 24.02 -4.50
C THR B 153 -15.53 23.40 -5.34
N LEU B 154 -15.17 22.17 -5.02
CA LEU B 154 -14.14 21.44 -5.73
C LEU B 154 -14.80 20.36 -6.56
N THR B 155 -14.44 20.29 -7.84
CA THR B 155 -14.93 19.26 -8.73
C THR B 155 -13.73 18.44 -9.14
N VAL B 156 -13.76 17.14 -8.83
CA VAL B 156 -12.61 16.27 -9.06
C VAL B 156 -12.90 15.33 -10.22
N PHE B 157 -11.84 14.92 -10.90
CA PHE B 157 -11.93 14.06 -12.09
C PHE B 157 -10.94 12.91 -11.96
N GLY B 158 -11.45 11.69 -12.17
CA GLY B 158 -10.61 10.50 -12.17
C GLY B 158 -10.86 9.72 -13.46
N ARG B 159 -10.02 8.71 -13.68
CA ARG B 159 -10.24 7.83 -14.84
C ARG B 159 -10.44 6.39 -14.37
N VAL B 160 -11.28 5.67 -15.10
CA VAL B 160 -11.59 4.27 -14.76
C VAL B 160 -12.00 3.55 -16.05
N PRO B 161 -11.50 2.34 -16.28
CA PRO B 161 -11.93 1.58 -17.47
C PRO B 161 -13.42 1.31 -17.41
N ALA B 162 -14.07 1.32 -18.57
CA ALA B 162 -15.49 1.02 -18.63
C ALA B 162 -15.79 -0.33 -17.99
N GLY B 163 -16.85 -0.37 -17.19
CA GLY B 163 -17.27 -1.61 -16.55
C GLY B 163 -16.55 -1.94 -15.26
N GLN B 164 -15.53 -1.16 -14.87
CA GLN B 164 -14.75 -1.49 -13.70
C GLN B 164 -14.99 -0.58 -12.51
N ALA B 165 -15.79 0.48 -12.66
CA ALA B 165 -16.04 1.37 -11.53
C ALA B 165 -16.74 0.62 -10.40
N LEU B 166 -16.40 0.98 -9.16
CA LEU B 166 -17.11 0.46 -8.00
C LEU B 166 -18.41 1.25 -7.83
N THR B 167 -19.54 0.55 -7.76
CA THR B 167 -20.82 1.21 -7.55
C THR B 167 -21.44 0.76 -6.25
N ARG B 168 -22.46 1.48 -5.81
CA ARG B 168 -23.14 1.14 -4.57
C ARG B 168 -24.09 -0.04 -4.74
N ALA B 169 -24.49 -0.35 -5.96
CA ALA B 169 -25.32 -1.51 -6.24
C ALA B 169 -24.43 -2.72 -6.50
N GLY B 170 -24.99 -3.93 -6.34
CA GLY B 170 -24.20 -5.13 -6.72
C GLY B 170 -23.91 -6.11 -5.61
N ALA B 171 -24.06 -5.69 -4.36
CA ALA B 171 -23.73 -6.58 -3.23
C ALA B 171 -24.59 -7.85 -3.31
N ARG B 172 -24.02 -8.98 -2.94
CA ARG B 172 -24.75 -10.25 -3.06
C ARG B 172 -24.69 -11.03 -1.75
N PRO B 173 -25.76 -11.78 -1.42
CA PRO B 173 -25.75 -12.61 -0.24
C PRO B 173 -24.50 -13.50 -0.22
N GLY B 174 -23.85 -13.56 0.93
CA GLY B 174 -22.61 -14.35 1.05
C GLY B 174 -21.37 -13.47 1.01
N ASP B 175 -21.50 -12.24 0.50
CA ASP B 175 -20.34 -11.36 0.47
C ASP B 175 -19.95 -10.95 1.88
N LEU B 176 -18.65 -10.69 2.07
CA LEU B 176 -18.19 -10.11 3.32
C LEU B 176 -18.43 -8.60 3.31
N LEU B 177 -18.73 -8.06 4.48
CA LEU B 177 -18.81 -6.60 4.66
C LEU B 177 -17.51 -6.11 5.29
N CYS B 178 -16.87 -5.14 4.64
CA CYS B 178 -15.53 -4.71 5.02
C CYS B 178 -15.41 -3.19 5.05
N VAL B 179 -14.41 -2.71 5.78
CA VAL B 179 -14.00 -1.31 5.73
C VAL B 179 -12.50 -1.24 5.47
N GLY B 180 -12.07 -0.09 4.94
CA GLY B 180 -10.69 0.14 4.57
C GLY B 180 -9.76 0.62 5.68
N GLY B 181 -10.24 0.77 6.90
CA GLY B 181 -9.39 1.22 7.98
C GLY B 181 -10.17 1.58 9.22
N PRO B 182 -9.47 2.07 10.25
CA PRO B 182 -10.13 2.39 11.53
C PRO B 182 -11.21 3.45 11.35
N LEU B 183 -12.28 3.30 12.13
CA LEU B 183 -13.44 4.18 12.10
C LEU B 183 -13.48 5.06 13.34
N GLY B 184 -14.21 6.18 13.21
CA GLY B 184 -14.47 7.06 14.33
C GLY B 184 -13.36 8.02 14.69
N GLU B 185 -12.19 7.94 14.04
CA GLU B 185 -11.08 8.79 14.43
C GLU B 185 -11.35 10.27 14.10
N ALA B 186 -12.04 10.53 12.99
CA ALA B 186 -12.36 11.93 12.67
C ALA B 186 -13.38 12.52 13.63
N GLY B 187 -14.32 11.70 14.11
CA GLY B 187 -15.28 12.20 15.09
C GLY B 187 -14.64 12.51 16.42
N ALA B 188 -13.75 11.63 16.88
CA ALA B 188 -12.96 11.93 18.07
C ALA B 188 -12.10 13.18 17.86
N ALA B 189 -11.50 13.31 16.67
CA ALA B 189 -10.79 14.54 16.35
C ALA B 189 -11.68 15.75 16.48
N LEU B 190 -12.93 15.65 16.02
CA LEU B 190 -13.82 16.80 16.04
C LEU B 190 -14.14 17.23 17.48
N GLU B 191 -14.21 16.27 18.41
CA GLU B 191 -14.37 16.63 19.82
C GLU B 191 -13.23 17.54 20.26
N LEU B 192 -11.99 17.20 19.91
CA LEU B 192 -10.86 18.07 20.22
C LEU B 192 -10.95 19.40 19.49
N VAL B 193 -11.38 19.37 18.22
CA VAL B 193 -11.40 20.60 17.43
C VAL B 193 -12.48 21.55 17.93
N LEU B 194 -13.61 21.01 18.36
CA LEU B 194 -14.65 21.83 18.97
C LEU B 194 -14.40 22.08 20.45
N GLU B 195 -13.21 21.70 20.95
CA GLU B 195 -12.80 21.94 22.33
C GLU B 195 -13.84 21.44 23.33
N ARG B 196 -14.27 20.19 23.12
CA ARG B 196 -15.14 19.51 24.07
C ARG B 196 -14.40 18.47 24.89
N ARG B 197 -13.19 18.09 24.48
CA ARG B 197 -12.27 17.31 25.30
C ARG B 197 -10.87 17.85 25.04
N SER B 198 -9.89 17.33 25.78
CA SER B 198 -8.49 17.68 25.57
C SER B 198 -7.65 16.43 25.71
N ALA B 199 -6.40 16.51 25.28
CA ALA B 199 -5.50 15.37 25.33
C ALA B 199 -4.09 15.85 25.08
N PRO B 200 -3.08 15.10 25.55
CA PRO B 200 -1.70 15.41 25.17
C PRO B 200 -1.49 15.26 23.67
N ALA B 201 -0.39 15.86 23.21
CA ALA B 201 -0.10 15.85 21.78
C ALA B 201 0.05 14.44 21.22
N GLU B 202 0.51 13.49 22.04
CA GLU B 202 0.63 12.13 21.55
C GLU B 202 -0.73 11.50 21.25
N VAL B 203 -1.79 12.00 21.88
CA VAL B 203 -3.13 11.51 21.59
C VAL B 203 -3.81 12.38 20.54
N ALA B 204 -3.70 13.71 20.66
CA ALA B 204 -4.46 14.61 19.80
C ALA B 204 -3.90 14.65 18.39
N GLU B 205 -2.59 14.62 18.22
CA GLU B 205 -2.00 14.80 16.90
C GLU B 205 -2.38 13.71 15.90
N PRO B 206 -2.27 12.42 16.23
CA PRO B 206 -2.73 11.40 15.25
C PRO B 206 -4.19 11.55 14.90
N LEU B 207 -5.01 11.99 15.86
CA LEU B 207 -6.43 12.20 15.59
C LEU B 207 -6.65 13.42 14.70
N LEU B 208 -5.95 14.52 14.98
CA LEU B 208 -6.15 15.74 14.20
C LEU B 208 -5.76 15.56 12.74
N ALA B 209 -4.73 14.75 12.48
CA ALA B 209 -4.32 14.48 11.11
C ALA B 209 -5.42 13.76 10.33
N ARG B 210 -6.22 12.96 11.02
CA ARG B 210 -7.31 12.26 10.34
C ARG B 210 -8.44 13.22 10.00
N TYR B 211 -8.59 14.30 10.76
CA TYR B 211 -9.63 15.27 10.44
C TYR B 211 -9.19 16.21 9.33
N TRP B 212 -8.04 16.85 9.50
CA TRP B 212 -7.60 17.89 8.58
C TRP B 212 -7.04 17.30 7.29
N THR B 213 -6.40 16.14 7.37
CA THR B 213 -5.72 15.54 6.23
C THR B 213 -6.08 14.06 6.12
N PRO B 214 -7.35 13.73 5.94
CA PRO B 214 -7.69 12.32 5.71
C PRO B 214 -7.12 11.88 4.37
N ALA B 215 -6.47 10.71 4.36
CA ALA B 215 -5.81 10.25 3.14
C ALA B 215 -6.82 9.49 2.29
N PRO B 216 -7.26 10.05 1.15
CA PRO B 216 -8.20 9.30 0.31
C PRO B 216 -7.64 7.96 -0.08
N GLN B 217 -8.50 6.94 -0.09
CA GLN B 217 -8.01 5.56 -0.18
C GLN B 217 -7.96 5.10 -1.65
N PHE B 218 -7.23 5.86 -2.47
CA PHE B 218 -7.10 5.52 -3.90
C PHE B 218 -6.59 4.10 -4.11
N GLY B 219 -5.57 3.69 -3.34
CA GLY B 219 -4.98 2.37 -3.54
C GLY B 219 -5.97 1.25 -3.31
N LEU B 220 -6.83 1.39 -2.30
CA LEU B 220 -7.85 0.38 -2.03
C LEU B 220 -8.89 0.36 -3.16
N GLY B 221 -9.34 1.55 -3.59
CA GLY B 221 -10.30 1.58 -4.68
C GLY B 221 -9.76 0.89 -5.92
N LEU B 222 -8.49 1.13 -6.23
CA LEU B 222 -7.90 0.50 -7.40
C LEU B 222 -7.80 -1.01 -7.19
N ALA B 223 -7.44 -1.45 -5.99
CA ALA B 223 -7.31 -2.89 -5.71
C ALA B 223 -8.66 -3.59 -5.81
N LEU B 224 -9.74 -2.89 -5.49
CA LEU B 224 -11.07 -3.51 -5.49
C LEU B 224 -11.70 -3.63 -6.87
N ARG B 225 -11.10 -3.04 -7.89
CA ARG B 225 -11.66 -3.13 -9.26
C ARG B 225 -11.87 -4.59 -9.67
N GLY B 226 -13.08 -4.94 -10.08
CA GLY B 226 -13.40 -6.31 -10.52
C GLY B 226 -13.49 -7.31 -9.39
N LYS B 227 -13.40 -6.86 -8.14
CA LYS B 227 -13.36 -7.79 -6.99
C LYS B 227 -14.48 -7.43 -6.03
N ALA B 228 -14.50 -6.19 -5.54
CA ALA B 228 -15.63 -5.73 -4.70
C ALA B 228 -16.93 -5.81 -5.48
N SER B 229 -18.00 -6.20 -4.81
CA SER B 229 -19.35 -6.25 -5.43
C SER B 229 -19.95 -4.85 -5.35
N ALA B 230 -19.62 -4.12 -4.28
CA ALA B 230 -20.14 -2.77 -4.09
C ALA B 230 -19.21 -2.01 -3.16
N ALA B 231 -19.26 -0.67 -3.26
CA ALA B 231 -18.42 0.16 -2.39
C ALA B 231 -18.93 1.59 -2.38
N LEU B 232 -18.56 2.31 -1.32
CA LEU B 232 -18.56 3.77 -1.31
C LEU B 232 -17.62 4.22 -0.20
N ASP B 233 -17.40 5.53 -0.08
CA ASP B 233 -16.61 6.04 1.02
C ASP B 233 -17.55 6.53 2.13
N ILE B 234 -17.10 6.38 3.38
CA ILE B 234 -17.92 6.74 4.53
C ILE B 234 -17.74 8.24 4.77
N SER B 235 -18.75 9.02 4.38
CA SER B 235 -18.81 10.44 4.69
C SER B 235 -19.84 10.78 5.76
N ASP B 236 -21.02 10.14 5.75
CA ASP B 236 -21.99 10.40 6.82
C ASP B 236 -21.75 9.54 8.05
N GLY B 237 -21.41 8.27 7.88
CA GLY B 237 -21.16 7.40 9.00
C GLY B 237 -21.37 5.95 8.59
N LEU B 238 -20.73 5.05 9.35
CA LEU B 238 -20.72 3.64 8.98
C LEU B 238 -22.14 3.12 8.71
N LEU B 239 -23.03 3.25 9.69
CA LEU B 239 -24.34 2.64 9.51
C LEU B 239 -25.16 3.35 8.44
N ALA B 240 -25.11 4.69 8.40
CA ALA B 240 -25.82 5.42 7.36
C ALA B 240 -25.32 5.03 5.97
N ASP B 241 -24.00 4.98 5.78
CA ASP B 241 -23.46 4.68 4.46
C ASP B 241 -23.59 3.21 4.09
N CYS B 242 -23.54 2.30 5.07
CA CYS B 242 -23.97 0.92 4.81
C CYS B 242 -25.36 0.88 4.20
N GLY B 243 -26.24 1.80 4.63
CA GLY B 243 -27.58 1.84 4.08
C GLY B 243 -27.63 2.10 2.60
N HIS B 244 -26.67 2.86 2.07
CA HIS B 244 -26.65 3.12 0.64
C HIS B 244 -26.40 1.84 -0.14
N ILE B 245 -25.50 0.99 0.35
CA ILE B 245 -25.26 -0.28 -0.33
C ILE B 245 -26.48 -1.17 -0.22
N ALA B 246 -27.02 -1.28 1.00
CA ALA B 246 -28.16 -2.15 1.26
C ALA B 246 -29.33 -1.81 0.35
N ARG B 247 -29.69 -0.53 0.29
CA ARG B 247 -30.81 -0.10 -0.55
C ARG B 247 -30.51 -0.26 -2.02
N ALA B 248 -29.33 0.19 -2.46
CA ALA B 248 -29.01 0.10 -3.89
C ALA B 248 -28.90 -1.35 -4.36
N SER B 249 -28.49 -2.25 -3.49
CA SER B 249 -28.31 -3.65 -3.86
C SER B 249 -29.51 -4.52 -3.53
N GLY B 250 -30.42 -4.05 -2.68
CA GLY B 250 -31.60 -4.84 -2.34
C GLY B 250 -31.27 -6.04 -1.48
N VAL B 251 -30.44 -5.83 -0.45
CA VAL B 251 -29.97 -6.89 0.42
C VAL B 251 -29.90 -6.36 1.85
N ALA B 252 -29.58 -7.24 2.78
CA ALA B 252 -29.35 -6.89 4.17
C ALA B 252 -27.85 -6.87 4.44
N LEU B 253 -27.39 -5.82 5.11
CA LEU B 253 -26.01 -5.73 5.58
C LEU B 253 -26.00 -5.93 7.09
N LEU B 254 -25.22 -6.89 7.56
CA LEU B 254 -25.16 -7.22 8.97
C LEU B 254 -23.80 -6.78 9.47
N VAL B 255 -23.78 -5.88 10.44
CA VAL B 255 -22.55 -5.41 11.07
C VAL B 255 -22.42 -6.13 12.40
N GLU B 256 -21.31 -6.86 12.59
CA GLU B 256 -21.04 -7.53 13.85
C GLU B 256 -20.36 -6.53 14.77
N CYS B 257 -21.09 -6.10 15.80
CA CYS B 257 -20.61 -5.03 16.67
C CYS B 257 -19.26 -5.38 17.27
N GLN B 258 -19.00 -6.67 17.50
CA GLN B 258 -17.78 -7.07 18.17
C GLN B 258 -16.55 -6.95 17.28
N ARG B 259 -16.74 -6.90 15.96
CA ARG B 259 -15.65 -6.69 15.02
C ARG B 259 -15.27 -5.23 14.86
N LEU B 260 -15.94 -4.31 15.55
CA LEU B 260 -15.61 -2.88 15.46
C LEU B 260 -14.51 -2.58 16.47
N GLN B 261 -13.28 -2.84 16.02
CA GLN B 261 -12.08 -2.67 16.85
C GLN B 261 -11.69 -1.19 16.91
N ALA B 262 -11.75 -0.59 18.09
CA ALA B 262 -11.28 0.77 18.25
C ALA B 262 -9.76 0.83 18.10
N SER B 263 -9.28 1.71 17.22
CA SER B 263 -7.85 1.86 17.02
C SER B 263 -7.17 2.37 18.28
N ALA B 264 -5.84 2.24 18.30
CA ALA B 264 -5.06 2.80 19.39
C ALA B 264 -5.26 4.31 19.49
N ALA B 265 -5.31 5.00 18.34
CA ALA B 265 -5.48 6.44 18.34
C ALA B 265 -6.85 6.84 18.89
N LEU B 266 -7.90 6.13 18.45
CA LEU B 266 -9.23 6.38 18.99
C LEU B 266 -9.28 6.04 20.48
N SER B 267 -8.68 4.91 20.86
CA SER B 267 -8.62 4.52 22.27
C SER B 267 -7.86 5.54 23.11
N GLY B 268 -6.99 6.35 22.49
CA GLY B 268 -6.26 7.37 23.23
C GLY B 268 -7.15 8.45 23.81
N LEU B 269 -8.38 8.56 23.34
CA LEU B 269 -9.30 9.59 23.81
C LEU B 269 -10.60 9.05 24.35
N LEU B 270 -11.17 8.04 23.70
CA LEU B 270 -12.48 7.51 24.07
C LEU B 270 -12.37 6.00 24.29
N ALA B 271 -13.25 5.49 25.13
CA ALA B 271 -13.28 4.05 25.38
C ALA B 271 -14.71 3.57 25.35
N GLY B 272 -14.85 2.24 25.41
CA GLY B 272 -16.13 1.59 25.51
C GLY B 272 -17.23 2.10 24.60
N GLU B 273 -18.37 2.45 25.19
CA GLU B 273 -19.56 2.73 24.42
C GLU B 273 -19.42 3.99 23.57
N GLU B 274 -18.69 5.00 24.06
CA GLU B 274 -18.61 6.24 23.29
C GLU B 274 -17.58 6.17 22.17
N ALA B 275 -16.56 5.32 22.29
CA ALA B 275 -15.71 5.03 21.12
C ALA B 275 -16.48 4.26 20.06
N LEU B 276 -17.25 3.25 20.49
CA LEU B 276 -18.14 2.54 19.57
C LEU B 276 -19.10 3.49 18.88
N ARG B 277 -19.61 4.47 19.63
CA ARG B 277 -20.55 5.44 19.07
C ARG B 277 -19.94 6.21 17.91
N GLN B 278 -18.70 6.68 18.09
CA GLN B 278 -17.99 7.38 17.04
C GLN B 278 -17.80 6.48 15.82
N GLN B 279 -17.42 5.22 16.06
CA GLN B 279 -17.23 4.28 14.96
C GLN B 279 -18.50 4.13 14.14
N LEU B 280 -19.66 4.07 14.81
CA LEU B 280 -20.91 3.80 14.11
C LEU B 280 -21.47 5.03 13.39
N ALA B 281 -21.24 6.23 13.91
CA ALA B 281 -22.04 7.35 13.45
C ALA B 281 -21.28 8.67 13.26
N ALA B 282 -19.99 8.74 13.59
CA ALA B 282 -19.26 10.00 13.42
C ALA B 282 -19.24 10.45 11.96
N GLY B 283 -18.97 9.54 11.04
CA GLY B 283 -18.75 9.99 9.68
C GLY B 283 -17.45 10.77 9.57
N ASP B 284 -17.26 11.33 8.37
CA ASP B 284 -16.03 12.00 7.99
C ASP B 284 -14.82 11.07 8.08
N ASP B 285 -15.06 9.76 8.03
CA ASP B 285 -13.96 8.80 8.03
C ASP B 285 -13.19 8.83 6.73
N TYR B 286 -13.89 8.98 5.60
CA TYR B 286 -13.31 8.87 4.26
C TYR B 286 -12.47 7.60 4.14
N VAL B 287 -13.00 6.54 4.75
CA VAL B 287 -12.53 5.18 4.56
C VAL B 287 -13.61 4.46 3.74
N LEU B 288 -13.19 3.54 2.87
CA LEU B 288 -14.16 2.82 2.07
C LEU B 288 -14.91 1.79 2.91
N VAL B 289 -16.19 1.63 2.61
CA VAL B 289 -16.96 0.46 3.05
C VAL B 289 -17.33 -0.30 1.80
N PHE B 290 -17.19 -1.63 1.84
CA PHE B 290 -17.35 -2.38 0.60
C PHE B 290 -17.75 -3.81 0.92
N THR B 291 -18.38 -4.43 -0.06
CA THR B 291 -18.78 -5.82 0.04
C THR B 291 -17.88 -6.64 -0.89
N LEU B 292 -17.47 -7.82 -0.40
CA LEU B 292 -16.42 -8.55 -1.07
C LEU B 292 -16.72 -10.05 -1.09
N PRO B 293 -16.75 -10.68 -2.27
CA PRO B 293 -16.80 -12.14 -2.32
C PRO B 293 -15.64 -12.73 -1.53
N PRO B 294 -15.90 -13.73 -0.68
CA PRO B 294 -14.86 -14.21 0.24
C PRO B 294 -13.60 -14.69 -0.46
N GLU B 295 -13.71 -15.17 -1.70
CA GLU B 295 -12.53 -15.68 -2.40
C GLU B 295 -11.48 -14.61 -2.63
N TYR B 296 -11.83 -13.33 -2.53
CA TYR B 296 -10.87 -12.25 -2.73
C TYR B 296 -10.28 -11.72 -1.44
N LEU B 297 -10.69 -12.26 -0.28
CA LEU B 297 -10.30 -11.67 0.98
C LEU B 297 -8.79 -11.63 1.15
N GLY B 298 -8.11 -12.75 0.86
CA GLY B 298 -6.66 -12.78 1.03
C GLY B 298 -5.95 -11.76 0.16
N GLU B 299 -6.36 -11.63 -1.10
CA GLU B 299 -5.77 -10.64 -2.01
C GLU B 299 -5.93 -9.21 -1.49
N ILE B 300 -7.13 -8.86 -1.05
CA ILE B 300 -7.36 -7.47 -0.65
C ILE B 300 -6.62 -7.16 0.65
N ARG B 301 -6.57 -8.13 1.58
CA ARG B 301 -5.77 -7.92 2.79
C ARG B 301 -4.31 -7.69 2.46
N ALA B 302 -3.79 -8.41 1.46
CA ALA B 302 -2.40 -8.20 1.06
C ALA B 302 -2.22 -6.83 0.38
N ALA B 303 -3.18 -6.43 -0.46
CA ALA B 303 -3.10 -5.11 -1.11
C ALA B 303 -3.28 -3.97 -0.11
N TRP B 304 -4.08 -4.18 0.93
CA TRP B 304 -4.48 -3.10 1.83
C TRP B 304 -4.61 -3.66 3.24
N PRO B 305 -3.49 -3.79 3.95
CA PRO B 305 -3.52 -4.48 5.26
C PRO B 305 -4.39 -3.79 6.28
N ALA B 306 -4.70 -2.51 6.11
CA ALA B 306 -5.57 -1.82 7.05
C ALA B 306 -7.03 -2.26 6.95
N MET B 307 -7.43 -3.05 5.95
CA MET B 307 -8.87 -3.30 5.82
C MET B 307 -9.27 -4.36 6.83
N ALA B 308 -10.56 -4.37 7.16
CA ALA B 308 -11.09 -5.20 8.23
C ALA B 308 -12.45 -5.73 7.80
N VAL B 309 -12.69 -7.02 8.07
CA VAL B 309 -14.03 -7.58 7.92
C VAL B 309 -14.86 -7.18 9.13
N ILE B 310 -16.04 -6.60 8.89
CA ILE B 310 -16.92 -6.18 9.96
C ILE B 310 -18.27 -6.86 9.94
N GLY B 311 -18.53 -7.74 8.97
CA GLY B 311 -19.84 -8.35 8.89
C GLY B 311 -20.05 -9.07 7.58
N ARG B 312 -21.32 -9.17 7.18
CA ARG B 312 -21.66 -9.97 6.03
C ARG B 312 -22.93 -9.45 5.36
N VAL B 313 -23.15 -9.92 4.14
CA VAL B 313 -24.34 -9.61 3.36
C VAL B 313 -25.23 -10.85 3.34
N GLU B 314 -26.53 -10.64 3.50
CA GLU B 314 -27.50 -11.73 3.46
C GLU B 314 -28.72 -11.26 2.70
N ALA B 315 -29.51 -12.22 2.23
CA ALA B 315 -30.77 -11.85 1.61
C ALA B 315 -31.63 -11.14 2.64
N GLY B 316 -32.37 -10.13 2.19
CA GLY B 316 -33.14 -9.33 3.13
C GLY B 316 -33.12 -7.85 2.78
N GLN B 317 -33.28 -7.01 3.80
CA GLN B 317 -33.27 -5.56 3.61
C GLN B 317 -32.72 -4.93 4.88
N GLY B 318 -32.16 -3.73 4.72
CA GLY B 318 -31.78 -2.91 5.85
C GLY B 318 -30.38 -3.20 6.37
N VAL B 319 -29.96 -2.35 7.31
CA VAL B 319 -28.67 -2.45 7.99
C VAL B 319 -28.95 -2.87 9.44
N HIS B 320 -28.21 -3.86 9.92
CA HIS B 320 -28.49 -4.48 11.21
C HIS B 320 -27.20 -4.61 11.99
N LEU B 321 -27.16 -3.95 13.16
CA LEU B 321 -26.03 -4.07 14.07
C LEU B 321 -26.32 -5.21 15.03
N LEU B 322 -25.44 -6.21 15.07
CA LEU B 322 -25.66 -7.42 15.86
C LEU B 322 -24.66 -7.51 17.00
N ASP B 323 -25.11 -8.02 18.15
CA ASP B 323 -24.22 -8.27 19.27
C ASP B 323 -23.62 -9.68 19.14
N ALA B 324 -22.88 -10.11 20.16
CA ALA B 324 -22.17 -11.39 20.11
C ALA B 324 -23.12 -12.58 20.00
N ASP B 325 -24.37 -12.41 20.41
CA ASP B 325 -25.35 -13.49 20.33
C ASP B 325 -26.16 -13.45 19.05
N GLY B 326 -25.82 -12.57 18.12
CA GLY B 326 -26.60 -12.42 16.90
C GLY B 326 -27.86 -11.61 17.08
N LYS B 327 -28.05 -10.99 18.24
CA LYS B 327 -29.23 -10.19 18.51
C LYS B 327 -29.00 -8.76 18.06
N GLU B 328 -30.03 -8.15 17.47
CA GLU B 328 -29.88 -6.82 16.92
C GLU B 328 -29.90 -5.77 18.03
N LEU B 329 -29.06 -4.75 17.87
CA LEU B 329 -28.96 -3.63 18.78
C LEU B 329 -29.61 -2.41 18.14
N ILE B 330 -30.16 -1.52 18.96
CA ILE B 330 -30.77 -0.29 18.44
C ILE B 330 -30.30 0.93 19.21
MG MG C . 13.17 -12.72 -7.73
MG MG D . 14.19 -15.74 -4.51
MG MG E . 19.37 -17.53 -6.55
NA NA F . 18.26 -16.97 -3.39
NA NA G . 12.42 -17.78 -7.06
PG ANP H . 17.18 -15.06 -5.72
O1G ANP H . 17.66 -16.48 -5.77
O2G ANP H . 17.64 -14.28 -4.43
O3G ANP H . 15.60 -15.17 -5.68
PB ANP H . 18.61 -14.97 -8.23
O1B ANP H . 19.71 -15.76 -7.58
O2B ANP H . 19.32 -13.82 -9.01
N3B ANP H . 17.53 -14.24 -7.16
PA ANP H . 18.12 -17.35 -9.49
O1A ANP H . 19.33 -17.42 -10.36
O2A ANP H . 18.27 -18.02 -8.11
O3A ANP H . 17.78 -15.86 -9.22
O5' ANP H . 16.90 -17.98 -10.26
C5' ANP H . 16.74 -17.74 -11.69
C4' ANP H . 15.78 -18.77 -12.25
O4' ANP H . 16.41 -20.08 -12.26
C3' ANP H . 14.46 -18.97 -11.50
O3' ANP H . 13.43 -19.32 -12.43
C2' ANP H . 14.78 -20.13 -10.54
O2' ANP H . 13.61 -20.84 -10.14
C1' ANP H . 15.73 -20.97 -11.38
N9 ANP H . 16.73 -21.75 -10.66
C8 ANP H . 17.77 -21.30 -9.90
N7 ANP H . 18.54 -22.25 -9.41
C5 ANP H . 17.96 -23.41 -9.90
C6 ANP H . 18.29 -24.77 -9.74
N6 ANP H . 19.33 -25.21 -9.03
N1 ANP H . 17.50 -25.68 -10.35
C2 ANP H . 16.48 -25.26 -11.09
N3 ANP H . 16.06 -24.00 -11.30
C4 ANP H . 16.85 -23.13 -10.68
C1 GOL I . 15.89 -37.82 16.43
O1 GOL I . 16.39 -36.53 16.80
C2 GOL I . 14.41 -37.94 16.68
O2 GOL I . 13.75 -36.76 16.19
C3 GOL I . 13.80 -39.16 16.05
O3 GOL I . 14.00 -40.32 16.85
MG MG J . -18.48 14.23 -2.06
MG MG K . -18.96 9.57 -1.25
MG MG L . -23.53 16.23 -0.23
NA NA M . -20.32 17.22 0.09
NA NA N . -19.72 13.00 -5.14
PG ANP O . -20.92 14.21 0.09
O1G ANP O . -21.77 15.22 -0.64
O2G ANP O . -19.92 13.51 -0.89
O3G ANP O . -20.13 14.92 1.26
PB ANP O . -23.53 13.16 0.69
O1B ANP O . -23.96 14.54 1.07
O2B ANP O . -24.14 12.14 1.69
N3B ANP O . -21.85 12.99 0.79
PA ANP O . -25.04 13.73 -1.59
O1A ANP O . -26.40 13.59 -1.01
O2A ANP O . -24.48 15.15 -1.67
O3A ANP O . -24.00 12.82 -0.77
O5' ANP O . -25.09 13.06 -3.03
C5' ANP O . -25.88 11.87 -3.41
C4' ANP O . -25.94 11.81 -4.92
O4' ANP O . -26.70 12.93 -5.42
C3' ANP O . -24.60 11.86 -5.66
O3' ANP O . -24.69 11.06 -6.83
C2' ANP O . -24.45 13.36 -5.98
O2' ANP O . -23.69 13.58 -7.16
C1' ANP O . -25.90 13.75 -6.26
N9 ANP O . -26.25 15.14 -5.97
C8 ANP O . -26.19 15.79 -4.76
N7 ANP O . -26.64 17.01 -4.79
C5 ANP O . -27.03 17.19 -6.11
C6 ANP O . -27.61 18.27 -6.81
N6 ANP O . -27.91 19.45 -6.23
N1 ANP O . -27.89 18.11 -8.11
C2 ANP O . -27.62 16.93 -8.69
N3 ANP O . -27.08 15.84 -8.14
C4 ANP O . -26.82 16.03 -6.84
O1 PG4 P . 3.63 34.56 -7.15
C1 PG4 P . 2.50 34.64 -6.33
C2 PG4 P . 1.20 34.81 -7.11
O2 PG4 P . 0.31 35.60 -6.37
C3 PG4 P . -0.20 36.67 -7.11
C4 PG4 P . -0.27 37.98 -6.33
O3 PG4 P . -0.29 39.01 -7.29
C5 PG4 P . 0.51 40.14 -7.09
C6 PG4 P . 1.96 39.80 -7.40
O4 PG4 P . 2.53 40.59 -8.38
C7 PG4 P . 3.92 40.47 -8.32
C8 PG4 P . 4.27 39.38 -9.32
O5 PG4 P . 5.14 38.43 -8.78
C1 EDO Q . -18.15 23.65 11.61
O1 EDO Q . -18.56 24.85 12.26
C2 EDO Q . -16.97 23.10 12.37
O2 EDO Q . -16.50 21.93 11.68
#